data_7DED
#
_entry.id   7DED
#
_cell.length_a   168.350
_cell.length_b   168.350
_cell.length_c   104.960
_cell.angle_alpha   90.000
_cell.angle_beta   90.000
_cell.angle_gamma   90.000
#
_symmetry.space_group_name_H-M   'P 42 21 2'
#
loop_
_entity.id
_entity.type
_entity.pdbx_description
1 polymer lectin
2 branched alpha-D-mannopyranose-(1-2)-alpha-D-mannopyranose-(1-2)-alpha-D-mannopyranose-(1-3)-[alpha-D-mannopyranose-(1-3)-alpha-D-mannopyranose-(1-6)]alpha-D-mannopyranose
3 non-polymer alpha-D-mannopyranose
4 non-polymer 1,2-ETHANEDIOL
5 water water
#
_entity_poly.entity_id   1
_entity_poly.type   'polypeptide(L)'
_entity_poly.pdbx_seq_one_letter_code
;DNYIYSTEVGGVGGTPFTFMQESGTITSIKFNWSDQYKLLHHIEVKFINNANIYATGDPKGNHEVILEIDDDETIIGSVI
GYKKGNDGRCTGVKLTTSKGKSIMAGYFEESLITTYTGKLAGIKGGAGSDIDRLGLIFLK
;
_entity_poly.pdbx_strand_id   D,E,A,B,C,G,F
#
# COMPACT_ATOMS: atom_id res chain seq x y z
N ASP A 1 10.25 25.63 -31.41
CA ASP A 1 10.89 26.41 -30.30
C ASP A 1 11.69 25.47 -29.39
N ASN A 2 12.47 26.02 -28.47
CA ASN A 2 13.27 25.27 -27.46
C ASN A 2 12.49 24.99 -26.17
N TYR A 3 11.39 25.72 -25.86
CA TYR A 3 10.76 25.81 -24.51
C TYR A 3 9.24 25.62 -24.60
N ILE A 4 8.63 25.00 -23.61
CA ILE A 4 7.16 24.82 -23.41
C ILE A 4 6.70 25.83 -22.36
N TYR A 5 5.79 26.75 -22.71
CA TYR A 5 5.25 27.76 -21.79
C TYR A 5 3.92 27.29 -21.27
N SER A 6 3.87 26.95 -19.99
CA SER A 6 2.63 26.55 -19.30
C SER A 6 1.76 27.79 -19.17
N THR A 7 0.45 27.62 -19.08
CA THR A 7 -0.54 28.72 -18.90
C THR A 7 -0.21 29.53 -17.65
N GLU A 8 -0.24 30.85 -17.77
CA GLU A 8 -0.12 31.78 -16.61
C GLU A 8 -1.49 31.81 -15.93
N VAL A 9 -1.55 31.42 -14.66
CA VAL A 9 -2.85 31.42 -13.93
C VAL A 9 -2.85 32.55 -12.89
N GLY A 10 -4.03 33.16 -12.72
CA GLY A 10 -4.25 34.29 -11.81
C GLY A 10 -4.69 35.54 -12.55
N GLY A 11 -4.44 36.71 -11.94
CA GLY A 11 -4.95 38.02 -12.39
C GLY A 11 -4.01 38.72 -13.35
N VAL A 12 -4.41 39.92 -13.78
CA VAL A 12 -3.70 40.75 -14.80
C VAL A 12 -2.76 41.73 -14.07
N GLY A 13 -2.88 41.82 -12.74
CA GLY A 13 -2.16 42.78 -11.88
C GLY A 13 -0.65 42.52 -11.77
N GLY A 14 0.04 43.40 -11.04
CA GLY A 14 1.46 43.26 -10.71
C GLY A 14 2.42 43.70 -11.80
N THR A 15 3.70 43.74 -11.46
CA THR A 15 4.83 44.05 -12.38
C THR A 15 5.21 42.77 -13.10
N PRO A 16 5.32 42.76 -14.44
CA PRO A 16 5.66 41.56 -15.15
C PRO A 16 7.09 41.07 -14.83
N PHE A 17 7.27 39.75 -14.83
CA PHE A 17 8.61 39.12 -14.73
C PHE A 17 8.73 37.96 -15.71
N THR A 18 9.93 37.75 -16.23
CA THR A 18 10.32 36.54 -17.02
C THR A 18 11.77 36.15 -16.67
N PHE A 19 11.93 35.02 -15.99
CA PHE A 19 13.22 34.48 -15.53
C PHE A 19 13.49 33.18 -16.27
N MET A 20 14.53 33.18 -17.10
CA MET A 20 14.89 32.05 -18.00
C MET A 20 16.33 32.24 -18.51
N GLN A 21 17.12 31.18 -18.65
CA GLN A 21 18.48 31.32 -19.26
C GLN A 21 18.80 30.11 -20.14
N GLU A 22 19.49 30.30 -21.26
CA GLU A 22 19.92 29.11 -22.04
C GLU A 22 21.14 28.50 -21.33
N SER A 23 21.90 29.32 -20.61
CA SER A 23 23.11 28.86 -19.87
C SER A 23 22.77 27.96 -18.68
N GLY A 24 21.51 27.63 -18.43
CA GLY A 24 21.20 26.73 -17.30
C GLY A 24 19.74 26.70 -16.96
N THR A 25 19.28 25.59 -16.42
CA THR A 25 17.91 25.33 -15.90
C THR A 25 17.81 25.85 -14.46
N ILE A 26 16.62 25.78 -13.87
CA ILE A 26 16.39 26.18 -12.45
C ILE A 26 16.98 25.09 -11.56
N THR A 27 17.81 25.52 -10.61
CA THR A 27 18.49 24.66 -9.62
C THR A 27 17.84 24.88 -8.25
N SER A 28 17.23 26.04 -8.00
CA SER A 28 16.53 26.34 -6.73
C SER A 28 15.29 27.20 -7.00
N ILE A 29 14.19 26.91 -6.35
CA ILE A 29 12.98 27.77 -6.39
C ILE A 29 12.41 27.87 -4.99
N LYS A 30 12.08 29.08 -4.58
CA LYS A 30 11.55 29.37 -3.24
C LYS A 30 10.16 30.01 -3.38
N PHE A 31 9.19 29.55 -2.61
CA PHE A 31 7.88 30.23 -2.51
C PHE A 31 7.71 30.77 -1.09
N ASN A 32 7.30 32.02 -0.98
CA ASN A 32 6.91 32.69 0.27
C ASN A 32 5.39 32.93 0.23
N TRP A 33 4.70 32.61 1.31
CA TRP A 33 3.23 32.71 1.40
C TRP A 33 2.82 33.03 2.83
N SER A 34 1.59 33.54 3.00
CA SER A 34 1.06 33.98 4.33
C SER A 34 -0.16 33.15 4.68
N ASP A 35 -0.41 32.95 5.97
CA ASP A 35 -1.69 32.43 6.51
C ASP A 35 -2.67 33.61 6.62
N GLN A 36 -2.17 34.84 6.78
CA GLN A 36 -3.04 36.05 6.92
C GLN A 36 -3.93 36.16 5.68
N TYR A 37 -3.34 36.23 4.47
CA TYR A 37 -4.02 36.46 3.17
C TYR A 37 -4.20 35.17 2.33
N LYS A 38 -3.64 34.04 2.76
CA LYS A 38 -3.75 32.73 2.07
C LYS A 38 -3.32 32.87 0.60
N LEU A 39 -2.24 33.61 0.32
CA LEU A 39 -1.69 33.89 -1.04
C LEU A 39 -0.20 33.54 -1.08
N LEU A 40 0.34 33.28 -2.27
CA LEU A 40 1.80 33.43 -2.51
C LEU A 40 2.11 34.92 -2.62
N HIS A 41 3.21 35.37 -2.02
CA HIS A 41 3.66 36.77 -2.08
C HIS A 41 4.96 36.94 -2.89
N HIS A 42 5.84 35.95 -2.92
CA HIS A 42 7.23 36.18 -3.38
C HIS A 42 7.82 34.86 -3.87
N ILE A 43 8.61 34.91 -4.92
CA ILE A 43 9.24 33.72 -5.55
C ILE A 43 10.68 34.13 -5.84
N GLU A 44 11.64 33.26 -5.54
CA GLU A 44 13.06 33.42 -5.94
C GLU A 44 13.46 32.18 -6.71
N VAL A 45 14.30 32.37 -7.70
CA VAL A 45 14.85 31.30 -8.54
C VAL A 45 16.37 31.50 -8.61
N LYS A 46 17.14 30.43 -8.62
CA LYS A 46 18.56 30.39 -9.03
C LYS A 46 18.69 29.45 -10.23
N PHE A 47 19.64 29.70 -11.10
CA PHE A 47 19.95 28.84 -12.26
C PHE A 47 21.28 28.13 -12.02
N ILE A 48 21.46 26.98 -12.64
CA ILE A 48 22.73 26.20 -12.66
C ILE A 48 23.90 27.18 -12.88
N ASN A 49 25.03 27.00 -12.15
CA ASN A 49 26.32 27.72 -12.32
C ASN A 49 26.11 29.25 -12.28
N ASN A 50 25.32 29.79 -11.34
CA ASN A 50 25.00 31.23 -11.19
C ASN A 50 24.43 31.44 -9.77
N ALA A 51 25.17 32.14 -8.91
CA ALA A 51 24.84 32.38 -7.47
C ALA A 51 23.77 33.47 -7.34
N ASN A 52 23.52 34.23 -8.42
CA ASN A 52 22.57 35.37 -8.44
C ASN A 52 21.13 34.86 -8.31
N ILE A 53 20.37 35.56 -7.48
CA ILE A 53 18.96 35.26 -7.11
C ILE A 53 18.04 36.17 -7.91
N TYR A 54 17.09 35.59 -8.65
CA TYR A 54 16.03 36.30 -9.40
C TYR A 54 14.74 36.22 -8.60
N ALA A 55 14.20 37.36 -8.19
CA ALA A 55 13.15 37.46 -7.19
C ALA A 55 12.03 38.35 -7.73
N THR A 56 10.79 38.10 -7.29
CA THR A 56 9.61 38.89 -7.67
C THR A 56 8.62 38.82 -6.51
N GLY A 57 7.85 39.88 -6.32
CA GLY A 57 6.89 40.02 -5.20
C GLY A 57 7.53 40.53 -3.95
N ASP A 58 6.83 40.44 -2.83
CA ASP A 58 7.21 41.06 -1.56
C ASP A 58 7.27 39.96 -0.52
N PRO A 59 8.45 39.66 0.05
CA PRO A 59 8.60 38.56 1.00
C PRO A 59 7.93 38.77 2.35
N LYS A 60 6.65 39.14 2.38
CA LYS A 60 5.93 39.55 3.60
C LYS A 60 5.29 38.35 4.27
N GLY A 61 5.31 37.17 3.67
CA GLY A 61 4.60 36.01 4.24
C GLY A 61 5.36 35.39 5.39
N ASN A 62 4.67 34.60 6.21
CA ASN A 62 5.21 34.02 7.47
C ASN A 62 5.76 32.62 7.22
N HIS A 63 5.66 32.07 6.01
CA HIS A 63 6.25 30.77 5.63
C HIS A 63 7.08 30.93 4.35
N GLU A 64 8.09 30.07 4.16
CA GLU A 64 8.77 29.86 2.85
C GLU A 64 9.14 28.37 2.70
N VAL A 65 9.16 27.86 1.48
CA VAL A 65 9.73 26.54 1.12
C VAL A 65 10.68 26.73 -0.03
N ILE A 66 11.74 25.93 -0.03
CA ILE A 66 12.73 25.84 -1.13
C ILE A 66 12.74 24.41 -1.64
N LEU A 67 12.66 24.24 -2.95
CA LEU A 67 13.03 22.99 -3.64
C LEU A 67 14.35 23.24 -4.36
N GLU A 68 15.33 22.39 -4.11
CA GLU A 68 16.59 22.34 -4.86
C GLU A 68 16.46 21.17 -5.82
N ILE A 69 17.02 21.31 -7.03
CA ILE A 69 16.78 20.36 -8.16
C ILE A 69 18.14 19.92 -8.69
N ASP A 70 18.42 18.62 -8.65
CA ASP A 70 19.72 18.05 -9.16
C ASP A 70 19.76 18.37 -10.67
N ASP A 71 20.91 18.34 -11.31
CA ASP A 71 21.05 18.72 -12.73
C ASP A 71 20.17 17.80 -13.58
N ASP A 72 20.02 16.52 -13.21
CA ASP A 72 19.37 15.47 -14.04
C ASP A 72 17.92 15.24 -13.56
N GLU A 73 17.38 16.13 -12.73
CA GLU A 73 16.10 15.93 -12.01
C GLU A 73 15.00 16.74 -12.70
N THR A 74 13.81 16.13 -12.88
CA THR A 74 12.67 16.76 -13.58
C THR A 74 11.49 16.91 -12.63
N ILE A 75 10.54 17.75 -13.03
CA ILE A 75 9.20 17.88 -12.38
C ILE A 75 8.28 16.90 -13.09
N ILE A 76 7.72 15.92 -12.36
CA ILE A 76 6.81 14.89 -12.95
C ILE A 76 5.38 15.14 -12.50
N GLY A 77 5.18 16.02 -11.54
CA GLY A 77 3.84 16.46 -11.09
C GLY A 77 3.92 17.92 -10.67
N SER A 78 2.91 18.71 -11.00
CA SER A 78 2.99 20.16 -10.79
C SER A 78 1.59 20.73 -10.82
N VAL A 79 1.21 21.40 -9.74
CA VAL A 79 -0.17 21.91 -9.54
C VAL A 79 -0.10 23.31 -8.94
N ILE A 80 -0.79 24.27 -9.53
CA ILE A 80 -0.85 25.65 -9.00
C ILE A 80 -2.27 25.96 -8.59
N GLY A 81 -2.45 26.39 -7.34
CA GLY A 81 -3.72 26.91 -6.82
C GLY A 81 -3.85 28.39 -7.13
N TYR A 82 -5.04 28.86 -7.49
CA TYR A 82 -5.24 30.27 -7.85
C TYR A 82 -6.69 30.65 -7.68
N LYS A 83 -6.92 31.97 -7.53
CA LYS A 83 -8.22 32.64 -7.76
C LYS A 83 -8.20 33.14 -9.20
N LYS A 84 -9.25 32.82 -9.95
CA LYS A 84 -9.40 33.15 -11.37
C LYS A 84 -9.91 34.59 -11.52
N GLY A 85 -9.86 35.11 -12.75
CA GLY A 85 -10.45 36.40 -13.14
C GLY A 85 -9.44 37.53 -13.15
N ASN A 86 -9.89 38.73 -13.51
CA ASN A 86 -9.01 39.90 -13.69
C ASN A 86 -8.24 40.21 -12.39
N ASP A 87 -8.89 40.14 -11.23
CA ASP A 87 -8.29 40.47 -9.92
C ASP A 87 -7.84 39.16 -9.25
N GLY A 88 -7.43 38.17 -10.03
CA GLY A 88 -6.94 36.88 -9.49
C GLY A 88 -5.53 36.96 -8.88
N ARG A 89 -5.13 35.87 -8.21
CA ARG A 89 -3.86 35.68 -7.48
C ARG A 89 -3.46 34.20 -7.55
N CYS A 90 -2.18 33.85 -7.43
CA CYS A 90 -1.76 32.47 -7.08
C CYS A 90 -1.77 32.27 -5.56
N THR A 91 -2.36 31.15 -5.14
CA THR A 91 -2.63 30.84 -3.72
C THR A 91 -1.70 29.72 -3.26
N GLY A 92 -1.24 28.82 -4.14
CA GLY A 92 -0.43 27.67 -3.73
C GLY A 92 0.25 26.96 -4.89
N VAL A 93 1.28 26.13 -4.60
CA VAL A 93 2.02 25.25 -5.57
C VAL A 93 2.30 23.91 -4.87
N LYS A 94 2.18 22.80 -5.60
CA LYS A 94 2.75 21.48 -5.24
C LYS A 94 3.62 21.07 -6.43
N LEU A 95 4.92 20.84 -6.20
CA LEU A 95 5.84 20.25 -7.19
C LEU A 95 6.28 18.89 -6.66
N THR A 96 6.38 17.91 -7.57
CA THR A 96 6.94 16.57 -7.30
C THR A 96 7.97 16.25 -8.40
N THR A 97 9.10 15.67 -8.02
CA THR A 97 10.26 15.47 -8.92
C THR A 97 10.48 13.98 -9.29
N SER A 98 11.28 13.75 -10.32
CA SER A 98 11.67 12.43 -10.82
C SER A 98 12.38 11.61 -9.73
N LYS A 99 12.77 12.24 -8.62
CA LYS A 99 13.54 11.58 -7.52
C LYS A 99 12.71 11.52 -6.23
N GLY A 100 11.40 11.72 -6.29
CA GLY A 100 10.54 11.49 -5.12
C GLY A 100 10.55 12.66 -4.14
N LYS A 101 11.19 13.77 -4.50
CA LYS A 101 11.17 15.02 -3.68
C LYS A 101 9.87 15.76 -3.99
N SER A 102 9.28 16.39 -3.00
CA SER A 102 8.09 17.24 -3.22
C SER A 102 8.15 18.45 -2.29
N ILE A 103 7.49 19.54 -2.68
CA ILE A 103 7.25 20.73 -1.81
C ILE A 103 5.79 21.15 -1.94
N MET A 104 5.28 21.79 -0.92
CA MET A 104 3.90 22.26 -0.91
C MET A 104 3.87 23.64 -0.22
N ALA A 105 3.47 24.66 -0.98
CA ALA A 105 3.37 26.06 -0.50
C ALA A 105 1.93 26.52 -0.61
N GLY A 106 1.44 27.13 0.46
CA GLY A 106 0.18 27.92 0.43
C GLY A 106 -1.08 27.08 0.38
N TYR A 107 -2.11 27.59 -0.29
CA TYR A 107 -3.54 27.16 -0.18
C TYR A 107 -4.15 26.86 -1.56
N PHE A 108 -5.20 26.06 -1.54
CA PHE A 108 -5.87 25.52 -2.75
C PHE A 108 -7.39 25.56 -2.52
N GLU A 109 -7.98 26.74 -2.54
CA GLU A 109 -9.39 26.89 -2.12
C GLU A 109 -10.30 27.25 -3.31
N GLU A 110 -9.79 27.34 -4.54
CA GLU A 110 -10.67 27.77 -5.67
C GLU A 110 -10.32 26.98 -6.94
N SER A 111 -9.26 27.32 -7.65
CA SER A 111 -8.97 26.77 -9.00
C SER A 111 -7.61 26.10 -8.98
N LEU A 112 -7.39 25.15 -9.87
CA LEU A 112 -6.13 24.38 -9.98
C LEU A 112 -5.76 24.29 -11.44
N ILE A 113 -4.47 24.35 -11.73
CA ILE A 113 -3.99 23.86 -13.04
C ILE A 113 -3.04 22.71 -12.72
N THR A 114 -3.16 21.62 -13.50
CA THR A 114 -2.13 20.55 -13.57
C THR A 114 -1.34 20.81 -14.84
N THR A 115 -0.08 21.22 -14.71
CA THR A 115 0.67 21.86 -15.80
C THR A 115 1.36 20.80 -16.62
N TYR A 116 2.00 21.24 -17.72
CA TYR A 116 3.01 20.41 -18.43
C TYR A 116 4.06 19.98 -17.43
N THR A 117 4.82 18.92 -17.74
CA THR A 117 5.89 18.39 -16.88
C THR A 117 7.20 18.44 -17.66
N GLY A 118 8.30 18.18 -16.99
CA GLY A 118 9.62 18.16 -17.64
C GLY A 118 10.66 18.89 -16.81
N LYS A 119 11.73 19.27 -17.48
CA LYS A 119 12.86 19.99 -16.89
C LYS A 119 12.44 21.46 -16.69
N LEU A 120 12.35 21.92 -15.45
CA LEU A 120 11.88 23.30 -15.14
C LEU A 120 12.98 24.28 -15.55
N ALA A 121 12.71 25.14 -16.51
CA ALA A 121 13.70 26.05 -17.12
C ALA A 121 13.53 27.48 -16.63
N GLY A 122 12.31 27.89 -16.31
CA GLY A 122 12.05 29.27 -15.89
C GLY A 122 10.64 29.49 -15.39
N ILE A 123 10.32 30.73 -15.04
CA ILE A 123 8.97 31.19 -14.63
C ILE A 123 8.71 32.53 -15.27
N LYS A 124 7.43 32.92 -15.28
CA LYS A 124 6.89 34.09 -15.98
C LYS A 124 5.56 34.43 -15.28
N GLY A 125 5.25 35.70 -15.14
CA GLY A 125 3.96 36.12 -14.56
C GLY A 125 4.00 37.58 -14.14
N GLY A 126 3.23 37.90 -13.12
CA GLY A 126 3.09 39.26 -12.57
C GLY A 126 3.07 39.20 -11.08
N ALA A 127 3.78 40.11 -10.43
CA ALA A 127 3.87 40.18 -8.97
C ALA A 127 3.98 41.63 -8.50
N GLY A 128 3.39 41.92 -7.36
CA GLY A 128 3.53 43.19 -6.61
C GLY A 128 3.69 42.90 -5.14
N SER A 129 2.66 43.11 -4.35
CA SER A 129 2.57 42.65 -2.95
C SER A 129 2.31 41.16 -2.92
N ASP A 130 1.67 40.63 -3.96
CA ASP A 130 1.29 39.20 -4.07
C ASP A 130 1.86 38.67 -5.39
N ILE A 131 1.85 37.35 -5.57
CA ILE A 131 2.02 36.74 -6.92
C ILE A 131 0.65 36.77 -7.60
N ASP A 132 0.50 37.67 -8.56
CA ASP A 132 -0.78 37.87 -9.29
C ASP A 132 -1.00 36.69 -10.22
N ARG A 133 0.08 36.20 -10.82
CA ARG A 133 -0.02 35.38 -12.04
C ARG A 133 1.27 34.59 -12.09
N LEU A 134 1.19 33.29 -12.32
CA LEU A 134 2.39 32.42 -12.44
C LEU A 134 2.19 31.41 -13.56
N GLY A 135 3.24 31.24 -14.35
CA GLY A 135 3.36 30.30 -15.46
C GLY A 135 4.71 29.61 -15.42
N LEU A 136 4.73 28.28 -15.45
CA LEU A 136 6.05 27.60 -15.47
C LEU A 136 6.54 27.45 -16.91
N ILE A 137 7.84 27.28 -17.11
CA ILE A 137 8.50 27.11 -18.42
C ILE A 137 9.41 25.89 -18.33
N PHE A 138 9.29 24.97 -19.27
CA PHE A 138 10.05 23.70 -19.32
C PHE A 138 10.83 23.62 -20.62
N LEU A 139 11.89 22.80 -20.65
CA LEU A 139 12.71 22.45 -21.85
C LEU A 139 12.03 21.41 -22.74
N LYS A 140 12.74 20.89 -23.76
CA LYS A 140 12.49 19.58 -24.43
C LYS A 140 13.83 18.81 -24.54
N ASN B 2 -11.79 7.97 -38.56
CA ASN B 2 -10.35 7.94 -38.04
C ASN B 2 -10.30 8.17 -36.50
N TYR B 3 -11.48 8.21 -35.83
CA TYR B 3 -11.70 8.65 -34.42
C TYR B 3 -12.65 7.68 -33.69
N ILE B 4 -12.52 7.56 -32.37
CA ILE B 4 -13.48 6.87 -31.47
C ILE B 4 -14.35 7.91 -30.77
N TYR B 5 -15.67 7.85 -30.91
CA TYR B 5 -16.63 8.75 -30.22
C TYR B 5 -17.14 8.07 -28.96
N SER B 6 -16.74 8.55 -27.81
CA SER B 6 -17.31 8.16 -26.50
C SER B 6 -18.74 8.63 -26.42
N THR B 7 -19.58 7.94 -25.66
CA THR B 7 -21.02 8.24 -25.46
C THR B 7 -21.14 9.65 -24.87
N GLU B 8 -22.07 10.42 -25.42
CA GLU B 8 -22.42 11.75 -24.88
C GLU B 8 -23.37 11.49 -23.71
N VAL B 9 -23.02 11.96 -22.52
CA VAL B 9 -23.89 11.75 -21.33
C VAL B 9 -24.51 13.06 -20.89
N GLY B 10 -25.76 13.02 -20.41
CA GLY B 10 -26.53 14.17 -19.95
C GLY B 10 -27.85 14.28 -20.71
N GLY B 11 -28.36 15.52 -20.82
CA GLY B 11 -29.68 15.84 -21.40
C GLY B 11 -29.61 16.08 -22.89
N VAL B 12 -30.77 16.34 -23.47
CA VAL B 12 -30.97 16.64 -24.92
C VAL B 12 -30.91 18.16 -25.13
N GLY B 13 -30.87 18.95 -24.03
CA GLY B 13 -30.86 20.43 -24.08
C GLY B 13 -29.60 21.04 -24.69
N GLY B 14 -29.59 22.36 -24.85
CA GLY B 14 -28.39 23.15 -25.23
C GLY B 14 -28.16 23.18 -26.73
N THR B 15 -27.24 24.06 -27.15
CA THR B 15 -26.81 24.21 -28.56
C THR B 15 -25.74 23.16 -28.82
N PRO B 16 -25.84 22.35 -29.89
CA PRO B 16 -24.82 21.35 -30.18
C PRO B 16 -23.46 21.98 -30.48
N PHE B 17 -22.38 21.30 -30.04
CA PHE B 17 -20.99 21.73 -30.34
C PHE B 17 -20.17 20.50 -30.73
N THR B 18 -19.19 20.72 -31.61
CA THR B 18 -18.14 19.73 -31.94
C THR B 18 -16.81 20.49 -32.07
N PHE B 19 -15.86 20.18 -31.20
CA PHE B 19 -14.46 20.68 -31.26
C PHE B 19 -13.54 19.53 -31.61
N MET B 20 -12.94 19.62 -32.79
CA MET B 20 -11.96 18.66 -33.38
C MET B 20 -11.17 19.43 -34.44
N GLN B 21 -9.92 19.08 -34.67
CA GLN B 21 -9.14 19.77 -35.71
C GLN B 21 -8.21 18.72 -36.29
N GLU B 22 -7.96 18.71 -37.59
CA GLU B 22 -7.00 17.74 -38.15
C GLU B 22 -5.58 18.15 -37.73
N SER B 23 -5.39 19.48 -37.56
CA SER B 23 -4.22 20.27 -37.09
C SER B 23 -3.53 19.73 -35.83
N GLY B 24 -4.22 19.01 -34.95
CA GLY B 24 -3.58 18.40 -33.77
C GLY B 24 -4.60 17.80 -32.82
N THR B 25 -4.11 17.33 -31.68
CA THR B 25 -4.96 16.81 -30.58
C THR B 25 -5.25 17.93 -29.60
N ILE B 26 -5.95 17.64 -28.52
CA ILE B 26 -6.17 18.62 -27.42
C ILE B 26 -4.88 18.72 -26.59
N THR B 27 -4.43 19.96 -26.38
CA THR B 27 -3.23 20.31 -25.59
C THR B 27 -3.64 20.94 -24.25
N SER B 28 -4.83 21.55 -24.17
CA SER B 28 -5.33 22.10 -22.89
C SER B 28 -6.86 21.93 -22.85
N ILE B 29 -7.40 21.57 -21.69
CA ILE B 29 -8.86 21.56 -21.45
C ILE B 29 -9.14 22.18 -20.09
N LYS B 30 -10.13 23.05 -20.04
CA LYS B 30 -10.52 23.79 -18.83
C LYS B 30 -11.98 23.50 -18.53
N PHE B 31 -12.31 23.15 -17.31
CA PHE B 31 -13.71 22.97 -16.88
C PHE B 31 -14.04 24.03 -15.84
N ASN B 32 -15.20 24.66 -16.02
CA ASN B 32 -15.76 25.63 -15.07
C ASN B 32 -17.01 25.00 -14.47
N TRP B 33 -17.16 25.08 -13.15
CA TRP B 33 -18.31 24.50 -12.44
C TRP B 33 -18.63 25.34 -11.22
N SER B 34 -19.84 25.18 -10.68
CA SER B 34 -20.36 25.94 -9.53
C SER B 34 -20.66 24.99 -8.37
N ASP B 35 -20.54 25.46 -7.14
CA ASP B 35 -21.10 24.81 -5.93
C ASP B 35 -22.58 25.18 -5.80
N GLN B 36 -22.99 26.33 -6.35
CA GLN B 36 -24.41 26.80 -6.26
C GLN B 36 -25.31 25.75 -6.91
N TYR B 37 -25.06 25.40 -8.18
CA TYR B 37 -25.89 24.49 -9.02
C TYR B 37 -25.31 23.07 -9.13
N LYS B 38 -24.10 22.83 -8.64
CA LYS B 38 -23.39 21.52 -8.66
C LYS B 38 -23.34 20.99 -10.10
N LEU B 39 -23.07 21.85 -11.11
CA LEU B 39 -23.03 21.51 -12.56
C LEU B 39 -21.70 21.96 -13.17
N LEU B 40 -21.29 21.35 -14.28
CA LEU B 40 -20.36 22.02 -15.22
C LEU B 40 -21.14 23.08 -15.99
N HIS B 41 -20.53 24.26 -16.18
CA HIS B 41 -21.15 25.35 -16.96
C HIS B 41 -20.41 25.61 -18.28
N HIS B 42 -19.10 25.39 -18.35
CA HIS B 42 -18.30 25.93 -19.47
C HIS B 42 -17.07 25.06 -19.65
N ILE B 43 -16.66 24.87 -20.89
CA ILE B 43 -15.45 24.09 -21.23
C ILE B 43 -14.71 24.91 -22.27
N GLU B 44 -13.38 25.03 -22.14
CA GLU B 44 -12.50 25.58 -23.20
C GLU B 44 -11.45 24.55 -23.53
N VAL B 45 -11.15 24.50 -24.82
CA VAL B 45 -10.17 23.54 -25.36
C VAL B 45 -9.21 24.33 -26.26
N LYS B 46 -7.92 23.99 -26.21
CA LYS B 46 -6.91 24.43 -27.20
C LYS B 46 -6.36 23.18 -27.89
N PHE B 47 -5.97 23.28 -29.15
CA PHE B 47 -5.35 22.16 -29.90
C PHE B 47 -3.87 22.50 -30.15
N ILE B 48 -3.04 21.48 -30.30
CA ILE B 48 -1.64 21.55 -30.85
C ILE B 48 -1.64 22.49 -32.07
N ASN B 49 -0.63 23.36 -32.19
CA ASN B 49 -0.35 24.26 -33.36
C ASN B 49 -1.59 25.10 -33.74
N ASN B 50 -2.26 25.72 -32.76
CA ASN B 50 -3.49 26.53 -32.96
C ASN B 50 -3.72 27.36 -31.69
N ALA B 51 -3.57 28.68 -31.80
CA ALA B 51 -3.61 29.62 -30.64
C ALA B 51 -5.07 29.96 -30.33
N ASN B 52 -6.03 29.56 -31.17
CA ASN B 52 -7.50 29.75 -30.93
C ASN B 52 -7.94 28.92 -29.71
N ILE B 53 -8.80 29.55 -28.91
CA ILE B 53 -9.54 28.96 -27.77
C ILE B 53 -10.96 28.65 -28.23
N TYR B 54 -11.39 27.39 -28.12
CA TYR B 54 -12.76 26.90 -28.45
C TYR B 54 -13.53 26.70 -27.16
N ALA B 55 -14.61 27.42 -27.00
CA ALA B 55 -15.34 27.56 -25.72
C ALA B 55 -16.82 27.27 -25.98
N THR B 56 -17.49 26.68 -24.99
CA THR B 56 -18.94 26.40 -25.02
C THR B 56 -19.48 26.49 -23.60
N GLY B 57 -20.72 26.95 -23.46
CA GLY B 57 -21.35 27.19 -22.16
C GLY B 57 -21.05 28.58 -21.64
N ASP B 58 -21.37 28.84 -20.39
CA ASP B 58 -21.30 30.17 -19.76
C ASP B 58 -20.38 30.05 -18.54
N PRO B 59 -19.23 30.75 -18.52
CA PRO B 59 -18.26 30.61 -17.43
C PRO B 59 -18.71 31.24 -16.11
N LYS B 60 -19.89 30.89 -15.61
CA LYS B 60 -20.51 31.56 -14.45
C LYS B 60 -20.10 30.89 -13.14
N GLY B 61 -19.41 29.78 -13.17
CA GLY B 61 -19.13 28.99 -11.96
C GLY B 61 -18.02 29.62 -11.14
N ASN B 62 -17.90 29.21 -9.87
CA ASN B 62 -16.94 29.80 -8.89
C ASN B 62 -15.64 28.97 -8.85
N HIS B 63 -15.52 27.87 -9.59
CA HIS B 63 -14.26 27.07 -9.70
C HIS B 63 -13.89 26.83 -11.16
N GLU B 64 -12.58 26.67 -11.44
CA GLU B 64 -12.07 26.14 -12.73
C GLU B 64 -10.87 25.22 -12.50
N VAL B 65 -10.70 24.22 -13.36
CA VAL B 65 -9.46 23.39 -13.46
C VAL B 65 -9.02 23.35 -14.90
N ILE B 66 -7.72 23.33 -15.10
CA ILE B 66 -7.05 23.16 -16.41
C ILE B 66 -6.17 21.92 -16.32
N LEU B 67 -6.27 21.05 -17.31
CA LEU B 67 -5.26 20.01 -17.56
C LEU B 67 -4.52 20.40 -18.83
N GLU B 68 -3.20 20.45 -18.78
CA GLU B 68 -2.35 20.61 -19.98
C GLU B 68 -1.81 19.23 -20.32
N ILE B 69 -1.69 18.89 -21.61
CA ILE B 69 -1.42 17.50 -22.06
C ILE B 69 -0.23 17.52 -23.03
N ASP B 70 0.84 16.79 -22.70
CA ASP B 70 2.07 16.75 -23.52
C ASP B 70 1.66 16.10 -24.85
N ASP B 71 2.43 16.29 -25.92
CA ASP B 71 2.07 15.79 -27.28
C ASP B 71 1.90 14.27 -27.22
N ASP B 72 2.69 13.55 -26.41
CA ASP B 72 2.78 12.07 -26.40
C ASP B 72 1.94 11.49 -25.25
N GLU B 73 1.08 12.29 -24.63
CA GLU B 73 0.41 11.97 -23.35
C GLU B 73 -1.05 11.55 -23.64
N THR B 74 -1.49 10.46 -23.01
CA THR B 74 -2.83 9.87 -23.26
C THR B 74 -3.66 9.91 -21.98
N ILE B 75 -4.97 9.75 -22.15
CA ILE B 75 -5.94 9.56 -21.04
C ILE B 75 -6.03 8.05 -20.81
N ILE B 76 -5.70 7.57 -19.60
CA ILE B 76 -5.72 6.13 -19.26
C ILE B 76 -6.90 5.83 -18.34
N GLY B 77 -7.55 6.87 -17.79
CA GLY B 77 -8.78 6.75 -17.02
C GLY B 77 -9.57 8.02 -17.15
N SER B 78 -10.90 7.93 -17.12
CA SER B 78 -11.75 9.08 -17.48
C SER B 78 -13.17 8.77 -17.02
N VAL B 79 -13.74 9.63 -16.19
CA VAL B 79 -15.06 9.42 -15.56
C VAL B 79 -15.87 10.72 -15.63
N ILE B 80 -17.08 10.65 -16.15
CA ILE B 80 -17.97 11.83 -16.25
C ILE B 80 -19.19 11.60 -15.38
N GLY B 81 -19.44 12.54 -14.48
CA GLY B 81 -20.64 12.56 -13.64
C GLY B 81 -21.75 13.30 -14.37
N TYR B 82 -22.98 12.83 -14.24
CA TYR B 82 -24.13 13.44 -14.94
C TYR B 82 -25.42 13.11 -14.23
N LYS B 83 -26.42 13.95 -14.50
CA LYS B 83 -27.86 13.65 -14.28
C LYS B 83 -28.38 13.13 -15.62
N LYS B 84 -29.03 11.99 -15.59
CA LYS B 84 -29.60 11.31 -16.79
C LYS B 84 -30.97 11.91 -17.09
N GLY B 85 -31.52 11.58 -18.25
CA GLY B 85 -32.87 11.96 -18.68
C GLY B 85 -32.84 13.16 -19.62
N ASN B 86 -34.01 13.55 -20.11
CA ASN B 86 -34.15 14.64 -21.11
C ASN B 86 -33.55 15.94 -20.55
N ASP B 87 -33.83 16.29 -19.29
CA ASP B 87 -33.37 17.56 -18.68
C ASP B 87 -32.08 17.25 -17.88
N GLY B 88 -31.25 16.33 -18.37
CA GLY B 88 -29.96 16.02 -17.76
C GLY B 88 -28.89 17.07 -18.02
N ARG B 89 -27.77 16.94 -17.30
CA ARG B 89 -26.62 17.86 -17.27
C ARG B 89 -25.36 17.03 -16.99
N CYS B 90 -24.18 17.49 -17.40
CA CYS B 90 -22.88 17.01 -16.82
C CYS B 90 -22.58 17.75 -15.53
N THR B 91 -22.22 16.99 -14.49
CA THR B 91 -22.01 17.48 -13.12
C THR B 91 -20.52 17.47 -12.80
N GLY B 92 -19.72 16.59 -13.40
CA GLY B 92 -18.29 16.47 -13.04
C GLY B 92 -17.48 15.65 -14.03
N VAL B 93 -16.13 15.78 -13.98
CA VAL B 93 -15.13 15.01 -14.78
C VAL B 93 -13.95 14.67 -13.87
N LYS B 94 -13.40 13.47 -13.99
CA LYS B 94 -12.07 13.05 -13.47
C LYS B 94 -11.32 12.53 -14.69
N LEU B 95 -10.16 13.08 -15.02
CA LEU B 95 -9.23 12.52 -16.04
C LEU B 95 -7.94 12.11 -15.34
N THR B 96 -7.32 11.02 -15.78
CA THR B 96 -5.97 10.57 -15.37
C THR B 96 -5.17 10.22 -16.63
N THR B 97 -3.88 10.58 -16.66
CA THR B 97 -3.05 10.50 -17.89
C THR B 97 -1.93 9.47 -17.77
N SER B 98 -1.32 9.14 -18.91
CA SER B 98 -0.18 8.19 -19.05
C SER B 98 1.03 8.69 -18.27
N LYS B 99 1.01 9.93 -17.74
CA LYS B 99 2.17 10.52 -17.01
C LYS B 99 1.80 10.82 -15.57
N GLY B 100 0.73 10.22 -15.04
CA GLY B 100 0.42 10.33 -13.60
C GLY B 100 -0.28 11.62 -13.23
N LYS B 101 -0.63 12.46 -14.20
CA LYS B 101 -1.39 13.72 -13.96
C LYS B 101 -2.87 13.38 -13.84
N SER B 102 -3.59 14.05 -12.96
CA SER B 102 -5.05 13.91 -12.89
C SER B 102 -5.70 15.26 -12.59
N ILE B 103 -6.98 15.41 -12.93
CA ILE B 103 -7.82 16.56 -12.49
C ILE B 103 -9.17 16.03 -12.01
N MET B 104 -9.84 16.82 -11.19
CA MET B 104 -11.22 16.54 -10.77
C MET B 104 -11.99 17.87 -10.77
N ALA B 105 -13.05 17.94 -11.57
CA ALA B 105 -14.00 19.06 -11.64
C ALA B 105 -15.38 18.61 -11.20
N GLY B 106 -16.04 19.39 -10.37
CA GLY B 106 -17.47 19.29 -10.08
C GLY B 106 -17.85 18.13 -9.20
N TYR B 107 -19.05 17.58 -9.46
CA TYR B 107 -19.80 16.66 -8.56
C TYR B 107 -20.21 15.37 -9.27
N PHE B 108 -20.46 14.35 -8.47
CA PHE B 108 -20.74 12.96 -8.91
C PHE B 108 -21.81 12.39 -7.98
N GLU B 109 -23.03 12.88 -8.10
CA GLU B 109 -24.09 12.57 -7.12
C GLU B 109 -25.20 11.72 -7.76
N GLU B 110 -25.07 11.30 -9.02
CA GLU B 110 -26.14 10.50 -9.66
C GLU B 110 -25.54 9.41 -10.55
N SER B 111 -25.09 9.73 -11.76
CA SER B 111 -24.71 8.71 -12.76
C SER B 111 -23.26 8.91 -13.18
N LEU B 112 -22.60 7.86 -13.65
CA LEU B 112 -21.18 7.91 -14.07
C LEU B 112 -21.04 7.18 -15.39
N ILE B 113 -20.16 7.66 -16.25
CA ILE B 113 -19.60 6.79 -17.31
C ILE B 113 -18.09 6.68 -17.05
N THR B 114 -17.52 5.49 -17.20
CA THR B 114 -16.06 5.27 -17.36
C THR B 114 -15.82 5.06 -18.86
N THR B 115 -15.17 6.00 -19.51
CA THR B 115 -15.16 6.10 -20.99
C THR B 115 -14.04 5.24 -21.56
N TYR B 116 -14.02 5.14 -22.89
CA TYR B 116 -12.87 4.64 -23.65
C TYR B 116 -11.64 5.44 -23.23
N THR B 117 -10.47 4.90 -23.53
CA THR B 117 -9.17 5.55 -23.22
C THR B 117 -8.41 5.86 -24.51
N GLY B 118 -7.34 6.63 -24.42
CA GLY B 118 -6.46 6.94 -25.55
C GLY B 118 -6.16 8.42 -25.66
N LYS B 119 -5.74 8.82 -26.86
CA LYS B 119 -5.27 10.21 -27.13
C LYS B 119 -6.51 11.09 -27.30
N LEU B 120 -6.74 12.05 -26.39
CA LEU B 120 -7.93 12.92 -26.43
C LEU B 120 -7.80 13.89 -27.62
N ALA B 121 -8.69 13.80 -28.59
CA ALA B 121 -8.64 14.52 -29.87
C ALA B 121 -9.66 15.63 -29.92
N GLY B 122 -10.80 15.48 -29.24
CA GLY B 122 -11.86 16.50 -29.27
C GLY B 122 -12.94 16.24 -28.27
N ILE B 123 -13.95 17.09 -28.24
CA ILE B 123 -15.18 16.94 -27.40
C ILE B 123 -16.39 17.32 -28.25
N LYS B 124 -17.57 16.93 -27.78
CA LYS B 124 -18.83 16.99 -28.54
C LYS B 124 -19.95 16.95 -27.50
N GLY B 125 -21.03 17.71 -27.72
CA GLY B 125 -22.19 17.66 -26.83
C GLY B 125 -23.12 18.83 -27.04
N GLY B 126 -23.78 19.26 -25.99
CA GLY B 126 -24.75 20.37 -26.00
C GLY B 126 -24.49 21.28 -24.80
N ALA B 127 -24.52 22.58 -25.01
CA ALA B 127 -24.31 23.56 -23.92
C ALA B 127 -25.21 24.79 -24.15
N GLY B 128 -25.66 25.37 -23.03
CA GLY B 128 -26.18 26.75 -22.96
C GLY B 128 -25.61 27.48 -21.76
N SER B 129 -26.40 27.62 -20.71
CA SER B 129 -25.97 28.14 -19.40
C SER B 129 -25.16 27.04 -18.67
N ASP B 130 -25.44 25.78 -19.00
CA ASP B 130 -24.78 24.62 -18.37
C ASP B 130 -24.20 23.76 -19.49
N ILE B 131 -23.34 22.80 -19.15
CA ILE B 131 -22.99 21.69 -20.08
C ILE B 131 -24.09 20.63 -19.97
N ASP B 132 -24.95 20.56 -20.99
CA ASP B 132 -26.11 19.64 -21.01
C ASP B 132 -25.60 18.22 -21.19
N ARG B 133 -24.57 18.06 -22.00
CA ARG B 133 -24.25 16.76 -22.63
C ARG B 133 -22.78 16.84 -22.99
N LEU B 134 -21.99 15.82 -22.69
CA LEU B 134 -20.55 15.82 -23.05
C LEU B 134 -20.12 14.41 -23.47
N GLY B 135 -19.37 14.34 -24.55
CA GLY B 135 -18.72 13.13 -25.06
C GLY B 135 -17.28 13.41 -25.47
N LEU B 136 -16.38 12.52 -25.08
CA LEU B 136 -14.96 12.66 -25.47
C LEU B 136 -14.78 11.99 -26.85
N ILE B 137 -13.74 12.42 -27.56
CA ILE B 137 -13.34 11.88 -28.88
C ILE B 137 -11.86 11.58 -28.83
N PHE B 138 -11.46 10.38 -29.22
CA PHE B 138 -10.06 9.91 -29.14
C PHE B 138 -9.58 9.50 -30.54
N LEU B 139 -8.25 9.51 -30.77
CA LEU B 139 -7.56 8.98 -31.97
C LEU B 139 -7.46 7.44 -31.93
N LYS B 140 -7.10 6.77 -33.06
CA LYS B 140 -6.71 5.32 -33.18
C LYS B 140 -5.32 5.21 -33.83
N ASP C 1 23.04 -33.15 12.10
CA ASP C 1 23.86 -33.28 10.85
C ASP C 1 23.50 -32.14 9.86
N ASN C 2 22.24 -32.15 9.43
CA ASN C 2 21.65 -31.28 8.37
C ASN C 2 20.19 -30.90 8.74
N TYR C 3 20.00 -30.54 10.01
CA TYR C 3 18.80 -29.90 10.62
C TYR C 3 19.23 -28.67 11.46
N ILE C 4 18.40 -27.64 11.48
CA ILE C 4 18.51 -26.40 12.31
C ILE C 4 17.52 -26.50 13.47
N TYR C 5 17.99 -26.46 14.71
CA TYR C 5 17.11 -26.53 15.91
C TYR C 5 16.86 -25.14 16.43
N SER C 6 15.64 -24.66 16.31
CA SER C 6 15.21 -23.37 16.89
C SER C 6 15.19 -23.50 18.40
N THR C 7 15.36 -22.39 19.10
CA THR C 7 15.32 -22.31 20.58
C THR C 7 13.95 -22.81 21.08
N GLU C 8 13.96 -23.68 22.10
CA GLU C 8 12.73 -24.14 22.80
C GLU C 8 12.33 -23.02 23.76
N VAL C 9 11.14 -22.46 23.59
CA VAL C 9 10.69 -21.34 24.47
C VAL C 9 9.57 -21.82 25.39
N GLY C 10 9.59 -21.32 26.63
CA GLY C 10 8.66 -21.70 27.69
C GLY C 10 9.36 -22.31 28.90
N GLY C 11 8.62 -23.12 29.66
CA GLY C 11 9.05 -23.68 30.96
C GLY C 11 9.73 -25.04 30.83
N VAL C 12 10.14 -25.61 31.96
CA VAL C 12 10.93 -26.87 32.05
C VAL C 12 9.97 -28.05 32.25
N GLY C 13 8.68 -27.76 32.49
CA GLY C 13 7.63 -28.77 32.77
C GLY C 13 7.28 -29.65 31.59
N GLY C 14 6.36 -30.58 31.82
CA GLY C 14 5.75 -31.44 30.82
C GLY C 14 6.56 -32.68 30.52
N THR C 15 5.95 -33.57 29.75
CA THR C 15 6.60 -34.79 29.20
C THR C 15 7.34 -34.40 27.93
N PRO C 16 8.62 -34.78 27.78
CA PRO C 16 9.37 -34.40 26.59
C PRO C 16 8.79 -35.05 25.32
N PHE C 17 8.86 -34.32 24.21
CA PHE C 17 8.53 -34.89 22.88
C PHE C 17 9.60 -34.44 21.86
N THR C 18 9.86 -35.31 20.88
CA THR C 18 10.65 -34.95 19.67
C THR C 18 10.08 -35.69 18.45
N PHE C 19 9.45 -34.94 17.54
CA PHE C 19 8.81 -35.47 16.32
C PHE C 19 9.57 -34.99 15.10
N MET C 20 10.20 -35.93 14.40
CA MET C 20 11.02 -35.70 13.19
C MET C 20 11.08 -36.99 12.38
N GLN C 21 11.27 -36.93 11.06
CA GLN C 21 11.49 -38.14 10.21
C GLN C 21 12.49 -37.76 9.12
N GLU C 22 13.53 -38.57 8.88
CA GLU C 22 14.47 -38.39 7.73
C GLU C 22 13.70 -38.53 6.40
N SER C 23 12.72 -39.44 6.42
CA SER C 23 11.89 -39.86 5.26
C SER C 23 10.98 -38.73 4.70
N GLY C 24 10.94 -37.55 5.34
CA GLY C 24 9.89 -36.56 5.00
C GLY C 24 9.70 -35.44 5.99
N THR C 25 9.06 -34.36 5.56
CA THR C 25 8.86 -33.08 6.26
C THR C 25 7.46 -33.03 6.86
N ILE C 26 7.13 -31.99 7.62
CA ILE C 26 5.77 -31.78 8.17
C ILE C 26 4.87 -31.32 7.02
N THR C 27 3.73 -32.00 6.89
CA THR C 27 2.70 -31.75 5.85
C THR C 27 1.46 -31.13 6.52
N SER C 28 1.25 -31.35 7.81
CA SER C 28 0.14 -30.73 8.57
C SER C 28 0.60 -30.45 10.00
N ILE C 29 0.24 -29.31 10.55
CA ILE C 29 0.47 -28.99 11.97
C ILE C 29 -0.80 -28.32 12.52
N LYS C 30 -1.24 -28.78 13.68
CA LYS C 30 -2.49 -28.35 14.31
C LYS C 30 -2.17 -27.80 15.69
N PHE C 31 -2.68 -26.63 16.04
CA PHE C 31 -2.56 -26.06 17.39
C PHE C 31 -3.93 -26.00 18.02
N ASN C 32 -4.03 -26.44 19.25
CA ASN C 32 -5.23 -26.32 20.10
C ASN C 32 -4.89 -25.36 21.23
N TRP C 33 -5.78 -24.43 21.51
CA TRP C 33 -5.59 -23.40 22.57
C TRP C 33 -6.92 -23.01 23.17
N SER C 34 -6.89 -22.41 24.37
CA SER C 34 -8.10 -22.03 25.14
C SER C 34 -8.13 -20.52 25.34
N ASP C 35 -9.34 -19.96 25.43
CA ASP C 35 -9.58 -18.57 25.91
C ASP C 35 -9.58 -18.58 27.43
N GLN C 36 -9.93 -19.72 28.06
CA GLN C 36 -9.96 -19.85 29.55
C GLN C 36 -8.59 -19.49 30.13
N TYR C 37 -7.55 -20.21 29.70
CA TYR C 37 -6.15 -20.14 30.22
C TYR C 37 -5.19 -19.33 29.33
N LYS C 38 -5.63 -18.93 28.14
CA LYS C 38 -4.81 -18.13 27.17
C LYS C 38 -3.47 -18.85 26.90
N LEU C 39 -3.50 -20.18 26.73
CA LEU C 39 -2.31 -21.06 26.50
C LEU C 39 -2.54 -21.95 25.28
N LEU C 40 -1.47 -22.44 24.66
CA LEU C 40 -1.55 -23.65 23.81
C LEU C 40 -1.64 -24.87 24.71
N HIS C 41 -2.50 -25.82 24.36
CA HIS C 41 -2.64 -27.07 25.13
C HIS C 41 -2.14 -28.30 24.37
N HIS C 42 -2.23 -28.34 23.05
CA HIS C 42 -2.05 -29.61 22.29
C HIS C 42 -1.58 -29.29 20.87
N ILE C 43 -0.70 -30.13 20.33
CA ILE C 43 -0.13 -29.94 18.97
C ILE C 43 -0.15 -31.31 18.32
N GLU C 44 -0.57 -31.40 17.05
CA GLU C 44 -0.48 -32.63 16.24
C GLU C 44 0.28 -32.27 14.98
N VAL C 45 1.08 -33.21 14.53
CA VAL C 45 1.87 -33.09 13.30
C VAL C 45 1.62 -34.37 12.47
N LYS C 46 1.55 -34.22 11.17
CA LYS C 46 1.63 -35.34 10.19
C LYS C 46 2.83 -35.09 9.30
N PHE C 47 3.47 -36.15 8.83
CA PHE C 47 4.62 -36.08 7.91
C PHE C 47 4.18 -36.55 6.53
N ILE C 48 4.86 -36.07 5.49
CA ILE C 48 4.74 -36.55 4.10
C ILE C 48 4.67 -38.09 4.08
N ASN C 49 3.78 -38.66 3.26
CA ASN C 49 3.64 -40.12 2.96
C ASN C 49 3.49 -40.94 4.25
N ASN C 50 2.64 -40.51 5.19
CA ASN C 50 2.43 -41.16 6.52
C ASN C 50 1.12 -40.60 7.11
N ALA C 51 0.09 -41.43 7.25
CA ALA C 51 -1.26 -40.98 7.72
C ALA C 51 -1.28 -40.82 9.25
N ASN C 52 -0.25 -41.34 9.93
CA ASN C 52 -0.15 -41.37 11.42
C ASN C 52 0.07 -39.94 11.95
N ILE C 53 -0.64 -39.64 13.03
CA ILE C 53 -0.68 -38.36 13.75
C ILE C 53 0.22 -38.47 14.98
N TYR C 54 1.17 -37.54 15.11
CA TYR C 54 2.10 -37.36 16.25
C TYR C 54 1.53 -36.20 17.10
N ALA C 55 1.16 -36.48 18.33
CA ALA C 55 0.37 -35.55 19.15
C ALA C 55 1.06 -35.42 20.52
N THR C 56 0.93 -34.25 21.13
CA THR C 56 1.44 -33.95 22.49
C THR C 56 0.51 -32.94 23.16
N GLY C 57 0.39 -33.04 24.47
CA GLY C 57 -0.49 -32.19 25.29
C GLY C 57 -1.90 -32.73 25.38
N ASP C 58 -2.85 -31.93 25.84
CA ASP C 58 -4.24 -32.34 26.13
C ASP C 58 -5.16 -31.44 25.32
N PRO C 59 -5.93 -32.00 24.37
CA PRO C 59 -6.77 -31.18 23.49
C PRO C 59 -7.98 -30.54 24.18
N LYS C 60 -7.78 -29.84 25.30
CA LYS C 60 -8.87 -29.33 26.16
C LYS C 60 -9.29 -27.94 25.72
N GLY C 61 -8.61 -27.32 24.78
CA GLY C 61 -8.93 -25.94 24.40
C GLY C 61 -10.15 -25.85 23.51
N ASN C 62 -10.73 -24.66 23.38
CA ASN C 62 -12.02 -24.43 22.66
C ASN C 62 -11.75 -23.99 21.23
N HIS C 63 -10.49 -23.82 20.81
CA HIS C 63 -10.12 -23.49 19.42
C HIS C 63 -9.06 -24.44 18.88
N GLU C 64 -9.06 -24.67 17.56
CA GLU C 64 -7.93 -25.32 16.85
C GLU C 64 -7.72 -24.65 15.49
N VAL C 65 -6.47 -24.61 15.04
CA VAL C 65 -6.09 -24.24 13.64
C VAL C 65 -5.18 -25.31 13.10
N ILE C 66 -5.34 -25.57 11.81
CA ILE C 66 -4.47 -26.48 11.01
C ILE C 66 -3.84 -25.65 9.90
N LEU C 67 -2.54 -25.78 9.74
CA LEU C 67 -1.83 -25.37 8.50
C LEU C 67 -1.42 -26.65 7.78
N GLU C 68 -1.81 -26.76 6.52
CA GLU C 68 -1.34 -27.83 5.62
C GLU C 68 -0.24 -27.19 4.76
N ILE C 69 0.80 -27.95 4.40
CA ILE C 69 2.04 -27.42 3.78
C ILE C 69 2.35 -28.24 2.54
N ASP C 70 2.40 -27.59 1.37
CA ASP C 70 2.67 -28.26 0.07
C ASP C 70 4.08 -28.82 0.17
N ASP C 71 4.46 -29.79 -0.66
CA ASP C 71 5.80 -30.43 -0.59
C ASP C 71 6.89 -29.36 -0.76
N ASP C 72 6.66 -28.35 -1.58
CA ASP C 72 7.71 -27.36 -1.99
C ASP C 72 7.56 -26.06 -1.20
N GLU C 73 6.78 -26.07 -0.13
CA GLU C 73 6.35 -24.86 0.61
C GLU C 73 7.18 -24.71 1.89
N THR C 74 7.67 -23.50 2.17
CA THR C 74 8.57 -23.22 3.33
C THR C 74 7.90 -22.22 4.26
N ILE C 75 8.41 -22.15 5.49
CA ILE C 75 8.03 -21.12 6.49
C ILE C 75 8.99 -19.96 6.31
N ILE C 76 8.48 -18.77 5.99
CA ILE C 76 9.34 -17.56 5.75
C ILE C 76 9.19 -16.59 6.92
N GLY C 77 8.21 -16.79 7.78
CA GLY C 77 8.01 -16.01 9.01
C GLY C 77 7.37 -16.89 10.06
N SER C 78 7.75 -16.72 11.32
CA SER C 78 7.37 -17.69 12.37
C SER C 78 7.64 -17.03 13.71
N VAL C 79 6.61 -16.95 14.55
CA VAL C 79 6.66 -16.22 15.84
C VAL C 79 5.95 -17.04 16.90
N ILE C 80 6.61 -17.30 18.03
CA ILE C 80 5.99 -18.05 19.16
C ILE C 80 5.86 -17.13 20.36
N GLY C 81 4.66 -17.01 20.89
CA GLY C 81 4.36 -16.29 22.13
C GLY C 81 4.54 -17.21 23.31
N TYR C 82 5.09 -16.71 24.41
CA TYR C 82 5.35 -17.56 25.58
C TYR C 82 5.47 -16.70 26.83
N LYS C 83 5.26 -17.35 27.97
CA LYS C 83 5.68 -16.88 29.31
C LYS C 83 7.04 -17.51 29.58
N LYS C 84 8.01 -16.70 29.94
CA LYS C 84 9.41 -17.09 30.19
C LYS C 84 9.54 -17.67 31.60
N GLY C 85 10.66 -18.34 31.85
CA GLY C 85 11.04 -18.80 33.20
C GLY C 85 10.74 -20.27 33.41
N ASN C 86 11.12 -20.81 34.56
CA ASN C 86 10.99 -22.25 34.89
C ASN C 86 9.52 -22.68 34.74
N ASP C 87 8.55 -21.89 35.20
CA ASP C 87 7.11 -22.29 35.16
C ASP C 87 6.46 -21.63 33.92
N GLY C 88 7.21 -21.47 32.84
CA GLY C 88 6.70 -20.90 31.58
C GLY C 88 5.84 -21.86 30.77
N ARG C 89 5.19 -21.32 29.73
CA ARG C 89 4.25 -21.97 28.80
C ARG C 89 4.36 -21.32 27.42
N CYS C 90 4.01 -22.01 26.33
CA CYS C 90 3.70 -21.36 25.03
C CYS C 90 2.26 -20.91 25.00
N THR C 91 2.04 -19.66 24.57
CA THR C 91 0.74 -18.96 24.61
C THR C 91 0.19 -18.82 23.19
N GLY C 92 1.04 -18.74 22.15
CA GLY C 92 0.55 -18.52 20.76
C GLY C 92 1.63 -18.81 19.72
N VAL C 93 1.20 -18.98 18.46
CA VAL C 93 2.05 -19.16 17.23
C VAL C 93 1.45 -18.35 16.09
N LYS C 94 2.29 -17.71 15.27
CA LYS C 94 1.93 -17.17 13.92
C LYS C 94 2.94 -17.82 12.96
N LEU C 95 2.48 -18.55 11.94
CA LEU C 95 3.35 -19.05 10.84
C LEU C 95 2.90 -18.40 9.55
N THR C 96 3.86 -18.06 8.67
CA THR C 96 3.61 -17.52 7.32
C THR C 96 4.51 -18.27 6.33
N THR C 97 3.97 -18.63 5.16
CA THR C 97 4.63 -19.56 4.21
C THR C 97 5.06 -18.84 2.92
N SER C 98 5.93 -19.51 2.16
CA SER C 98 6.43 -19.08 0.84
C SER C 98 5.27 -18.86 -0.15
N LYS C 99 4.04 -19.28 0.16
CA LYS C 99 2.86 -19.19 -0.76
C LYS C 99 1.81 -18.25 -0.19
N GLY C 100 2.12 -17.43 0.81
CA GLY C 100 1.19 -16.41 1.31
C GLY C 100 0.15 -16.97 2.24
N LYS C 101 0.26 -18.24 2.64
CA LYS C 101 -0.63 -18.84 3.66
C LYS C 101 -0.13 -18.42 5.03
N SER C 102 -1.03 -18.20 5.97
CA SER C 102 -0.66 -17.92 7.36
C SER C 102 -1.71 -18.52 8.30
N ILE C 103 -1.31 -18.80 9.53
CA ILE C 103 -2.22 -19.22 10.64
C ILE C 103 -1.84 -18.46 11.89
N MET C 104 -2.79 -18.33 12.80
CA MET C 104 -2.57 -17.62 14.07
C MET C 104 -3.34 -18.36 15.15
N ALA C 105 -2.62 -18.87 16.14
CA ALA C 105 -3.17 -19.59 17.30
C ALA C 105 -2.84 -18.82 18.57
N GLY C 106 -3.83 -18.64 19.42
CA GLY C 106 -3.62 -18.25 20.83
C GLY C 106 -3.25 -16.79 21.02
N TYR C 107 -2.43 -16.51 22.03
CA TYR C 107 -2.21 -15.18 22.66
C TYR C 107 -0.71 -14.84 22.73
N PHE C 108 -0.43 -13.55 22.82
CA PHE C 108 0.92 -12.95 22.76
C PHE C 108 0.99 -11.82 23.79
N GLU C 109 1.02 -12.15 25.07
CA GLU C 109 0.92 -11.14 26.13
C GLU C 109 2.25 -11.00 26.91
N GLU C 110 3.34 -11.66 26.53
CA GLU C 110 4.58 -11.53 27.34
C GLU C 110 5.83 -11.52 26.45
N SER C 111 6.28 -12.67 25.98
CA SER C 111 7.58 -12.79 25.28
C SER C 111 7.34 -13.37 23.90
N LEU C 112 8.25 -13.10 22.96
CA LEU C 112 8.14 -13.56 21.54
C LEU C 112 9.51 -14.10 21.14
N ILE C 113 9.52 -15.13 20.32
CA ILE C 113 10.73 -15.43 19.51
C ILE C 113 10.31 -15.28 18.04
N THR C 114 11.15 -14.68 17.22
CA THR C 114 11.09 -14.79 15.73
C THR C 114 12.13 -15.79 15.33
N THR C 115 11.71 -16.96 14.84
CA THR C 115 12.59 -18.14 14.74
C THR C 115 13.36 -18.13 13.42
N TYR C 116 14.27 -19.08 13.26
CA TYR C 116 14.85 -19.45 11.96
C TYR C 116 13.70 -19.70 10.97
N THR C 117 14.05 -19.66 9.69
CA THR C 117 13.09 -19.93 8.58
C THR C 117 13.55 -21.15 7.80
N GLY C 118 12.69 -21.65 6.94
CA GLY C 118 13.02 -22.75 6.03
C GLY C 118 11.95 -23.81 6.00
N LYS C 119 12.34 -24.99 5.56
CA LYS C 119 11.45 -26.16 5.41
C LYS C 119 11.21 -26.77 6.80
N LEU C 120 9.98 -26.72 7.31
CA LEU C 120 9.66 -27.21 8.67
C LEU C 120 9.74 -28.73 8.67
N ALA C 121 10.64 -29.29 9.47
CA ALA C 121 10.95 -30.74 9.49
C ALA C 121 10.35 -31.41 10.72
N GLY C 122 10.25 -30.72 11.83
CA GLY C 122 9.79 -31.33 13.08
C GLY C 122 9.56 -30.32 14.18
N ILE C 123 9.17 -30.82 15.35
CA ILE C 123 8.99 -30.01 16.59
C ILE C 123 9.54 -30.81 17.77
N LYS C 124 9.77 -30.12 18.88
CA LYS C 124 10.50 -30.63 20.06
C LYS C 124 10.10 -29.74 21.24
N GLY C 125 9.90 -30.30 22.42
CA GLY C 125 9.55 -29.50 23.60
C GLY C 125 9.02 -30.37 24.72
N GLY C 126 8.16 -29.79 25.54
CA GLY C 126 7.54 -30.47 26.70
C GLY C 126 6.08 -30.10 26.78
N ALA C 127 5.23 -31.08 27.01
CA ALA C 127 3.78 -30.88 27.13
C ALA C 127 3.17 -31.80 28.18
N GLY C 128 2.15 -31.33 28.85
CA GLY C 128 1.30 -32.07 29.80
C GLY C 128 -0.15 -31.69 29.58
N SER C 129 -0.74 -30.91 30.47
CA SER C 129 -2.06 -30.27 30.26
C SER C 129 -1.90 -29.10 29.29
N ASP C 130 -0.71 -28.52 29.23
CA ASP C 130 -0.41 -27.34 28.38
C ASP C 130 0.80 -27.69 27.53
N ILE C 131 1.10 -26.85 26.52
CA ILE C 131 2.43 -26.87 25.86
C ILE C 131 3.37 -26.03 26.71
N ASP C 132 4.27 -26.70 27.43
CA ASP C 132 5.20 -26.03 28.37
C ASP C 132 6.25 -25.29 27.54
N ARG C 133 6.67 -25.89 26.44
CA ARG C 133 7.93 -25.55 25.79
C ARG C 133 7.80 -26.00 24.35
N LEU C 134 8.18 -25.18 23.38
CA LEU C 134 8.15 -25.59 21.96
C LEU C 134 9.38 -25.03 21.23
N GLY C 135 9.98 -25.87 20.38
CA GLY C 135 11.04 -25.49 19.44
C GLY C 135 10.75 -26.08 18.05
N LEU C 136 10.89 -25.26 17.01
CA LEU C 136 10.76 -25.75 15.63
C LEU C 136 12.09 -26.31 15.17
N ILE C 137 12.01 -27.21 14.19
CA ILE C 137 13.18 -27.86 13.55
C ILE C 137 13.02 -27.73 12.06
N PHE C 138 14.05 -27.24 11.38
CA PHE C 138 14.05 -27.00 9.91
C PHE C 138 15.13 -27.84 9.26
N LEU C 139 15.02 -28.12 7.96
CA LEU C 139 16.06 -28.74 7.08
C LEU C 139 17.13 -27.71 6.64
N LYS C 140 18.02 -28.09 5.70
CA LYS C 140 18.83 -27.16 4.87
C LYS C 140 18.72 -27.51 3.38
N ASP D 1 39.09 -4.21 12.65
CA ASP D 1 39.76 -3.58 11.44
C ASP D 1 39.13 -4.08 10.11
N ASN D 2 38.74 -5.38 10.04
CA ASN D 2 37.75 -5.96 9.07
C ASN D 2 36.36 -6.18 9.74
N TYR D 3 35.98 -5.27 10.62
CA TYR D 3 34.67 -5.14 11.32
C TYR D 3 34.25 -3.65 11.30
N ILE D 4 32.96 -3.38 11.29
CA ILE D 4 32.33 -2.04 11.42
C ILE D 4 31.80 -1.91 12.85
N TYR D 5 32.27 -0.93 13.63
CA TYR D 5 31.79 -0.73 15.02
C TYR D 5 30.77 0.39 15.01
N SER D 6 29.50 0.07 15.25
CA SER D 6 28.45 1.07 15.49
C SER D 6 28.73 1.78 16.81
N THR D 7 28.30 3.03 16.94
CA THR D 7 28.46 3.86 18.15
C THR D 7 27.79 3.15 19.34
N GLU D 8 28.47 3.10 20.48
CA GLU D 8 27.89 2.65 21.78
C GLU D 8 27.03 3.78 22.31
N VAL D 9 25.73 3.54 22.50
CA VAL D 9 24.81 4.59 22.98
C VAL D 9 24.36 4.26 24.40
N GLY D 10 24.23 5.30 25.21
CA GLY D 10 23.84 5.23 26.63
C GLY D 10 24.92 5.81 27.53
N GLY D 11 24.98 5.32 28.76
CA GLY D 11 25.87 5.86 29.82
C GLY D 11 27.23 5.18 29.88
N VAL D 12 28.06 5.61 30.83
CA VAL D 12 29.46 5.11 31.06
C VAL D 12 29.43 4.03 32.13
N GLY D 13 28.28 3.82 32.78
CA GLY D 13 28.10 2.85 33.87
C GLY D 13 28.23 1.38 33.44
N GLY D 14 28.13 0.49 34.44
CA GLY D 14 28.06 -0.97 34.23
C GLY D 14 29.40 -1.62 34.05
N THR D 15 29.42 -2.93 34.00
CA THR D 15 30.62 -3.74 33.69
C THR D 15 30.75 -3.84 32.18
N PRO D 16 31.92 -3.55 31.59
CA PRO D 16 32.07 -3.67 30.14
C PRO D 16 31.90 -5.12 29.67
N PHE D 17 31.32 -5.29 28.48
CA PHE D 17 31.22 -6.60 27.80
C PHE D 17 31.56 -6.43 26.32
N THR D 18 32.16 -7.47 25.77
CA THR D 18 32.31 -7.66 24.30
C THR D 18 31.94 -9.12 24.02
N PHE D 19 30.89 -9.34 23.22
CA PHE D 19 30.52 -10.65 22.67
C PHE D 19 30.83 -10.66 21.18
N MET D 20 31.84 -11.45 20.81
CA MET D 20 32.37 -11.65 19.44
C MET D 20 33.09 -13.00 19.47
N GLN D 21 33.00 -13.78 18.41
CA GLN D 21 33.65 -15.11 18.39
C GLN D 21 34.17 -15.29 16.98
N GLU D 22 35.38 -15.84 16.83
CA GLU D 22 35.96 -16.07 15.48
C GLU D 22 35.16 -17.18 14.77
N SER D 23 34.58 -18.12 15.54
CA SER D 23 33.68 -19.25 15.18
C SER D 23 32.46 -18.85 14.34
N GLY D 24 31.99 -17.61 14.42
CA GLY D 24 30.88 -17.23 13.55
C GLY D 24 30.23 -15.93 13.91
N THR D 25 29.15 -15.65 13.22
CA THR D 25 28.32 -14.46 13.45
C THR D 25 27.28 -14.80 14.53
N ILE D 26 26.44 -13.85 14.86
CA ILE D 26 25.37 -14.05 15.87
C ILE D 26 24.23 -14.86 15.25
N THR D 27 23.83 -15.92 15.92
CA THR D 27 22.75 -16.80 15.44
C THR D 27 21.49 -16.54 16.26
N SER D 28 21.63 -16.08 17.50
CA SER D 28 20.50 -15.75 18.40
C SER D 28 20.82 -14.56 19.30
N ILE D 29 19.89 -13.64 19.42
CA ILE D 29 20.01 -12.47 20.35
C ILE D 29 18.70 -12.28 21.12
N LYS D 30 18.80 -12.13 22.43
CA LYS D 30 17.64 -12.01 23.31
C LYS D 30 17.74 -10.70 24.10
N PHE D 31 16.68 -9.93 24.14
CA PHE D 31 16.60 -8.69 24.94
C PHE D 31 15.54 -8.87 26.00
N ASN D 32 15.89 -8.53 27.25
CA ASN D 32 14.97 -8.57 28.42
C ASN D 32 14.79 -7.12 28.85
N TRP D 33 13.55 -6.72 29.11
CA TRP D 33 13.22 -5.33 29.47
C TRP D 33 12.02 -5.30 30.37
N SER D 34 11.82 -4.20 31.11
CA SER D 34 10.73 -4.04 32.10
C SER D 34 9.81 -2.89 31.65
N ASP D 35 8.54 -2.98 32.03
CA ASP D 35 7.58 -1.85 31.95
C ASP D 35 7.78 -0.96 33.20
N GLN D 36 8.26 -1.54 34.30
CA GLN D 36 8.45 -0.79 35.58
C GLN D 36 9.41 0.38 35.30
N TYR D 37 10.62 0.09 34.80
CA TYR D 37 11.73 1.05 34.60
C TYR D 37 11.87 1.52 33.14
N LYS D 38 11.15 0.92 32.20
CA LYS D 38 11.18 1.28 30.75
C LYS D 38 12.62 1.24 30.24
N LEU D 39 13.41 0.23 30.66
CA LEU D 39 14.85 0.02 30.29
C LEU D 39 15.04 -1.40 29.74
N LEU D 40 16.10 -1.60 28.94
CA LEU D 40 16.68 -2.95 28.77
C LEU D 40 17.47 -3.32 30.04
N HIS D 41 17.35 -4.55 30.51
CA HIS D 41 18.11 -5.04 31.68
C HIS D 41 19.16 -6.10 31.31
N HIS D 42 18.94 -6.91 30.29
CA HIS D 42 19.75 -8.14 30.10
C HIS D 42 19.75 -8.52 28.62
N ILE D 43 20.85 -9.03 28.13
CA ILE D 43 21.04 -9.43 26.71
C ILE D 43 21.74 -10.79 26.73
N GLU D 44 21.32 -11.74 25.91
CA GLU D 44 22.01 -13.02 25.68
C GLU D 44 22.25 -13.17 24.19
N VAL D 45 23.36 -13.76 23.84
CA VAL D 45 23.79 -13.93 22.44
C VAL D 45 24.33 -15.35 22.29
N LYS D 46 24.02 -16.04 21.20
CA LYS D 46 24.68 -17.30 20.78
C LYS D 46 25.33 -17.06 19.42
N PHE D 47 26.43 -17.74 19.13
CA PHE D 47 27.12 -17.64 17.84
C PHE D 47 26.97 -18.97 17.09
N ILE D 48 27.07 -18.91 15.76
CA ILE D 48 27.23 -20.10 14.88
C ILE D 48 28.31 -21.03 15.47
N ASN D 49 28.10 -22.36 15.47
CA ASN D 49 29.07 -23.45 15.82
C ASN D 49 29.67 -23.21 17.22
N ASN D 50 28.83 -22.91 18.22
CA ASN D 50 29.24 -22.58 19.62
C ASN D 50 28.00 -22.69 20.50
N ALA D 51 27.95 -23.69 21.39
CA ALA D 51 26.80 -24.02 22.25
C ALA D 51 26.74 -23.06 23.44
N ASN D 52 27.84 -22.31 23.69
CA ASN D 52 27.94 -21.36 24.82
C ASN D 52 26.99 -20.16 24.60
N ILE D 53 26.31 -19.78 25.68
CA ILE D 53 25.39 -18.63 25.78
C ILE D 53 26.13 -17.53 26.53
N TYR D 54 26.25 -16.34 25.93
CA TYR D 54 26.92 -15.14 26.46
C TYR D 54 25.83 -14.19 26.95
N ALA D 55 25.86 -13.84 28.23
CA ALA D 55 24.81 -13.06 28.90
C ALA D 55 25.43 -11.87 29.63
N THR D 56 24.72 -10.74 29.76
CA THR D 56 25.16 -9.54 30.49
C THR D 56 23.93 -8.85 31.05
N GLY D 57 24.06 -8.20 32.21
CA GLY D 57 22.94 -7.53 32.89
C GLY D 57 22.14 -8.49 33.77
N ASP D 58 20.98 -8.08 34.23
CA ASP D 58 20.17 -8.79 35.25
C ASP D 58 18.82 -9.06 34.64
N PRO D 59 18.44 -10.35 34.43
CA PRO D 59 17.18 -10.70 33.79
C PRO D 59 15.93 -10.39 34.62
N LYS D 60 15.79 -9.16 35.15
CA LYS D 60 14.72 -8.81 36.11
C LYS D 60 13.49 -8.30 35.37
N GLY D 61 13.55 -8.12 34.06
CA GLY D 61 12.40 -7.53 33.35
C GLY D 61 11.28 -8.53 33.13
N ASN D 62 10.08 -8.05 32.83
CA ASN D 62 8.85 -8.86 32.75
C ASN D 62 8.57 -9.25 31.29
N HIS D 63 9.39 -8.82 30.33
CA HIS D 63 9.30 -9.21 28.90
C HIS D 63 10.65 -9.69 28.39
N GLU D 64 10.66 -10.57 27.37
CA GLU D 64 11.87 -10.86 26.56
C GLU D 64 11.47 -11.10 25.11
N VAL D 65 12.34 -10.76 24.15
CA VAL D 65 12.23 -11.14 22.72
C VAL D 65 13.55 -11.76 22.28
N ILE D 66 13.44 -12.75 21.41
CA ILE D 66 14.56 -13.45 20.76
C ILE D 66 14.43 -13.27 19.26
N LEU D 67 15.50 -12.85 18.60
CA LEU D 67 15.64 -12.95 17.14
C LEU D 67 16.65 -14.06 16.85
N GLU D 68 16.27 -15.02 16.03
CA GLU D 68 17.17 -16.06 15.49
C GLU D 68 17.47 -15.63 14.06
N ILE D 69 18.72 -15.84 13.62
CA ILE D 69 19.24 -15.24 12.37
C ILE D 69 19.85 -16.36 11.53
N ASP D 70 19.33 -16.56 10.31
CA ASP D 70 19.80 -17.64 9.40
C ASP D 70 21.26 -17.29 9.07
N ASP D 71 22.08 -18.24 8.62
CA ASP D 71 23.53 -18.00 8.39
C ASP D 71 23.68 -16.87 7.34
N ASP D 72 22.79 -16.79 6.34
CA ASP D 72 22.93 -15.89 5.16
C ASP D 72 22.10 -14.61 5.37
N GLU D 73 21.62 -14.36 6.59
CA GLU D 73 20.60 -13.32 6.89
C GLU D 73 21.30 -12.10 7.50
N THR D 74 20.95 -10.90 7.03
CA THR D 74 21.59 -9.62 7.43
C THR D 74 20.57 -8.72 8.10
N ILE D 75 21.09 -7.74 8.83
CA ILE D 75 20.30 -6.63 9.43
C ILE D 75 20.29 -5.53 8.37
N ILE D 76 19.10 -5.12 7.91
CA ILE D 76 18.95 -4.05 6.88
C ILE D 76 18.37 -2.81 7.54
N GLY D 77 17.90 -2.90 8.78
CA GLY D 77 17.43 -1.76 9.57
C GLY D 77 17.65 -2.04 11.04
N SER D 78 18.03 -1.04 11.82
CA SER D 78 18.45 -1.24 13.21
C SER D 78 18.35 0.11 13.92
N VAL D 79 17.60 0.16 15.01
CA VAL D 79 17.38 1.41 15.78
C VAL D 79 17.49 1.12 17.27
N ILE D 80 18.30 1.88 17.99
CA ILE D 80 18.45 1.70 19.46
C ILE D 80 17.94 2.95 20.17
N GLY D 81 17.00 2.76 21.10
CA GLY D 81 16.50 3.83 21.97
C GLY D 81 17.36 3.96 23.19
N TYR D 82 17.62 5.17 23.67
CA TYR D 82 18.50 5.38 24.85
C TYR D 82 18.21 6.72 25.49
N LYS D 83 18.61 6.82 26.76
CA LYS D 83 18.81 8.08 27.49
C LYS D 83 20.28 8.43 27.35
N LYS D 84 20.56 9.66 26.90
CA LYS D 84 21.93 10.13 26.63
C LYS D 84 22.61 10.60 27.91
N GLY D 85 23.93 10.77 27.83
CA GLY D 85 24.74 11.38 28.90
C GLY D 85 25.42 10.36 29.79
N ASN D 86 26.19 10.82 30.76
CA ASN D 86 27.04 9.95 31.62
C ASN D 86 26.20 8.89 32.31
N ASP D 87 25.02 9.23 32.85
CA ASP D 87 24.14 8.33 33.62
C ASP D 87 23.06 7.78 32.68
N GLY D 88 23.38 7.61 31.38
CA GLY D 88 22.43 7.08 30.39
C GLY D 88 22.21 5.56 30.47
N ARG D 89 21.24 5.06 29.71
CA ARG D 89 20.78 3.65 29.64
C ARG D 89 20.28 3.36 28.21
N CYS D 90 20.29 2.11 27.74
CA CYS D 90 19.50 1.69 26.56
C CYS D 90 18.09 1.32 26.99
N THR D 91 17.11 1.87 26.25
CA THR D 91 15.68 1.76 26.57
C THR D 91 15.00 0.80 25.60
N GLY D 92 15.49 0.64 24.37
CA GLY D 92 14.83 -0.23 23.36
C GLY D 92 15.70 -0.53 22.15
N VAL D 93 15.30 -1.52 21.35
CA VAL D 93 15.93 -1.96 20.07
C VAL D 93 14.81 -2.36 19.10
N LYS D 94 14.94 -2.00 17.82
CA LYS D 94 14.15 -2.53 16.67
C LYS D 94 15.21 -3.07 15.69
N LEU D 95 15.17 -4.36 15.36
CA LEU D 95 16.01 -4.94 14.26
C LEU D 95 15.07 -5.43 13.17
N THR D 96 15.48 -5.25 11.90
CA THR D 96 14.78 -5.77 10.71
C THR D 96 15.81 -6.45 9.82
N THR D 97 15.46 -7.60 9.24
CA THR D 97 16.43 -8.48 8.52
C THR D 97 16.16 -8.54 7.01
N SER D 98 17.13 -9.06 6.27
CA SER D 98 17.10 -9.26 4.80
C SER D 98 15.97 -10.21 4.41
N LYS D 99 15.33 -10.89 5.38
CA LYS D 99 14.28 -11.91 5.11
C LYS D 99 12.95 -11.46 5.72
N GLY D 100 12.79 -10.19 6.03
CA GLY D 100 11.46 -9.66 6.43
C GLY D 100 11.12 -9.96 7.87
N LYS D 101 12.05 -10.48 8.67
CA LYS D 101 11.85 -10.69 10.13
C LYS D 101 12.13 -9.36 10.83
N SER D 102 11.39 -9.08 11.88
CA SER D 102 11.72 -7.94 12.77
C SER D 102 11.43 -8.32 14.24
N ILE D 103 12.06 -7.61 15.17
CA ILE D 103 11.73 -7.66 16.62
C ILE D 103 11.65 -6.24 17.15
N MET D 104 10.99 -6.08 18.27
CA MET D 104 10.93 -4.78 18.96
C MET D 104 10.95 -5.05 20.46
N ALA D 105 11.98 -4.53 21.14
CA ALA D 105 12.14 -4.63 22.61
C ALA D 105 12.12 -3.23 23.21
N GLY D 106 11.34 -3.06 24.27
CA GLY D 106 11.43 -1.88 25.15
C GLY D 106 10.83 -0.62 24.56
N TYR D 107 11.41 0.52 24.91
CA TYR D 107 10.83 1.89 24.78
C TYR D 107 11.79 2.84 24.06
N PHE D 108 11.19 3.90 23.51
CA PHE D 108 11.86 4.90 22.64
C PHE D 108 11.35 6.28 23.01
N GLU D 109 11.73 6.80 24.16
CA GLU D 109 11.11 8.04 24.67
C GLU D 109 12.11 9.22 24.66
N GLU D 110 13.33 9.07 24.17
CA GLU D 110 14.34 10.16 24.34
C GLU D 110 15.23 10.27 23.09
N SER D 111 16.23 9.42 22.94
CA SER D 111 17.24 9.54 21.88
C SER D 111 17.22 8.26 21.05
N LEU D 112 17.63 8.33 19.78
CA LEU D 112 17.63 7.17 18.85
C LEU D 112 18.94 7.18 18.10
N ILE D 113 19.49 6.02 17.80
CA ILE D 113 20.49 5.91 16.72
C ILE D 113 19.91 5.00 15.65
N THR D 114 20.09 5.35 14.39
CA THR D 114 19.90 4.45 13.23
C THR D 114 21.29 3.99 12.81
N THR D 115 21.61 2.72 13.01
CA THR D 115 23.01 2.23 12.99
C THR D 115 23.41 1.84 11.58
N TYR D 116 24.69 1.51 11.39
CA TYR D 116 25.18 0.80 10.20
C TYR D 116 24.34 -0.47 10.03
N THR D 117 24.38 -1.04 8.83
CA THR D 117 23.68 -2.30 8.48
C THR D 117 24.69 -3.35 8.06
N GLY D 118 24.25 -4.59 7.94
CA GLY D 118 25.10 -5.69 7.44
C GLY D 118 24.92 -6.94 8.27
N LYS D 119 25.91 -7.83 8.16
CA LYS D 119 25.93 -9.12 8.89
C LYS D 119 26.32 -8.83 10.34
N LEU D 120 25.41 -9.05 11.29
CA LEU D 120 25.66 -8.75 12.73
C LEU D 120 26.63 -9.80 13.24
N ALA D 121 27.81 -9.36 13.69
CA ALA D 121 28.89 -10.26 14.16
C ALA D 121 28.96 -10.30 15.67
N GLY D 122 28.63 -9.19 16.36
CA GLY D 122 28.81 -9.11 17.80
C GLY D 122 28.16 -7.89 18.39
N ILE D 123 28.25 -7.74 19.71
CA ILE D 123 27.77 -6.54 20.45
C ILE D 123 28.81 -6.23 21.53
N LYS D 124 28.69 -5.04 22.09
CA LYS D 124 29.68 -4.42 22.99
C LYS D 124 28.93 -3.37 23.78
N GLY D 125 29.27 -3.17 25.04
CA GLY D 125 28.72 -2.10 25.86
C GLY D 125 29.02 -2.29 27.32
N GLY D 126 28.10 -1.82 28.17
CA GLY D 126 28.20 -1.88 29.63
C GLY D 126 26.88 -2.30 30.22
N ALA D 127 26.90 -3.18 31.21
CA ALA D 127 25.67 -3.64 31.88
C ALA D 127 25.94 -3.91 33.36
N GLY D 128 24.94 -3.64 34.19
CA GLY D 128 24.85 -4.06 35.60
C GLY D 128 23.46 -4.56 35.90
N SER D 129 22.66 -3.77 36.60
CA SER D 129 21.21 -4.02 36.79
C SER D 129 20.46 -3.71 35.49
N ASP D 130 21.01 -2.80 34.67
CA ASP D 130 20.41 -2.34 33.41
C ASP D 130 21.43 -2.54 32.31
N ILE D 131 21.03 -2.43 31.04
CA ILE D 131 21.97 -2.22 29.92
C ILE D 131 22.30 -0.74 29.85
N ASP D 132 23.50 -0.38 30.29
CA ASP D 132 23.96 1.03 30.36
C ASP D 132 24.19 1.54 28.93
N ARG D 133 24.72 0.68 28.07
CA ARG D 133 25.41 1.12 26.86
C ARG D 133 25.35 -0.04 25.90
N LEU D 134 25.03 0.19 24.63
CA LEU D 134 25.03 -0.89 23.61
C LEU D 134 25.56 -0.36 22.28
N GLY D 135 26.42 -1.15 21.64
CA GLY D 135 26.97 -0.92 20.28
C GLY D 135 26.98 -2.21 19.47
N LEU D 136 26.49 -2.14 18.24
CA LEU D 136 26.49 -3.33 17.35
C LEU D 136 27.84 -3.40 16.63
N ILE D 137 28.20 -4.61 16.22
CA ILE D 137 29.43 -4.89 15.41
C ILE D 137 29.02 -5.72 14.20
N PHE D 138 29.40 -5.27 13.01
CA PHE D 138 29.06 -5.93 11.73
C PHE D 138 30.34 -6.33 11.00
N LEU D 139 30.25 -7.25 10.04
CA LEU D 139 31.36 -7.69 9.15
C LEU D 139 31.54 -6.70 7.99
N LYS D 140 32.46 -6.95 7.03
CA LYS D 140 32.43 -6.33 5.66
C LYS D 140 32.54 -7.40 4.57
N ASP E 1 34.55 23.53 -4.01
CA ASP E 1 35.47 22.73 -4.92
C ASP E 1 34.62 21.91 -5.93
N ASN E 2 34.94 20.62 -6.11
CA ASN E 2 34.21 19.54 -6.85
C ASN E 2 33.15 18.84 -5.94
N TYR E 3 32.31 19.71 -5.37
CA TYR E 3 31.23 19.47 -4.38
C TYR E 3 29.97 20.27 -4.79
N ILE E 4 28.79 19.83 -4.37
CA ILE E 4 27.50 20.58 -4.43
C ILE E 4 27.20 21.19 -3.05
N TYR E 5 27.05 22.51 -2.98
CA TYR E 5 26.72 23.23 -1.72
C TYR E 5 25.23 23.50 -1.70
N SER E 6 24.51 22.82 -0.82
CA SER E 6 23.08 23.08 -0.56
C SER E 6 22.99 24.43 0.15
N THR E 7 21.86 25.12 -0.01
CA THR E 7 21.61 26.44 0.61
C THR E 7 21.71 26.32 2.12
N GLU E 8 22.40 27.28 2.76
CA GLU E 8 22.42 27.43 4.23
C GLU E 8 21.12 28.08 4.66
N VAL E 9 20.30 27.41 5.48
CA VAL E 9 18.99 27.97 5.90
C VAL E 9 19.05 28.36 7.37
N GLY E 10 18.39 29.46 7.71
CA GLY E 10 18.36 30.04 9.06
C GLY E 10 18.91 31.46 9.08
N GLY E 11 19.40 31.88 10.24
CA GLY E 11 19.83 33.27 10.51
C GLY E 11 21.30 33.49 10.23
N VAL E 12 21.74 34.72 10.47
CA VAL E 12 23.13 35.21 10.18
C VAL E 12 23.99 35.06 11.42
N GLY E 13 23.38 34.73 12.56
CA GLY E 13 24.03 34.60 13.88
C GLY E 13 25.01 33.44 13.99
N GLY E 14 25.67 33.34 15.13
CA GLY E 14 26.53 32.20 15.51
C GLY E 14 27.94 32.31 14.96
N THR E 15 28.81 31.42 15.39
CA THR E 15 30.19 31.30 14.89
C THR E 15 30.17 30.42 13.65
N PRO E 16 30.74 30.85 12.51
CA PRO E 16 30.78 30.00 11.33
C PRO E 16 31.53 28.69 11.54
N PHE E 17 31.04 27.62 10.90
CA PHE E 17 31.72 26.31 10.93
C PHE E 17 31.71 25.72 9.50
N THR E 18 32.77 24.98 9.17
CA THR E 18 32.82 24.17 7.95
C THR E 18 33.48 22.84 8.30
N PHE E 19 32.72 21.74 8.17
CA PHE E 19 33.22 20.37 8.38
C PHE E 19 33.23 19.65 7.05
N MET E 20 34.43 19.37 6.56
CA MET E 20 34.76 18.67 5.32
C MET E 20 36.16 18.10 5.46
N GLN E 21 36.42 16.91 4.93
CA GLN E 21 37.78 16.29 4.92
C GLN E 21 37.98 15.62 3.57
N GLU E 22 39.13 15.88 2.90
CA GLU E 22 39.43 15.40 1.52
C GLU E 22 39.47 13.85 1.54
N SER E 23 40.04 13.32 2.63
CA SER E 23 40.22 11.88 2.95
C SER E 23 38.90 11.39 3.58
N GLY E 24 37.73 11.60 2.90
CA GLY E 24 36.48 10.88 3.25
C GLY E 24 35.17 11.67 3.22
N THR E 25 34.05 10.94 3.30
CA THR E 25 32.66 11.43 3.41
C THR E 25 32.21 11.34 4.88
N ILE E 26 31.01 11.82 5.20
CA ILE E 26 30.44 11.73 6.57
C ILE E 26 29.99 10.29 6.79
N THR E 27 30.40 9.70 7.92
CA THR E 27 30.04 8.33 8.35
C THR E 27 29.05 8.39 9.52
N SER E 28 29.01 9.48 10.28
CA SER E 28 28.07 9.65 11.41
C SER E 28 27.70 11.11 11.55
N ILE E 29 26.42 11.39 11.82
CA ILE E 29 25.95 12.76 12.10
C ILE E 29 24.93 12.70 13.22
N LYS E 30 25.09 13.57 14.21
CA LYS E 30 24.28 13.59 15.43
C LYS E 30 23.63 14.96 15.57
N PHE E 31 22.33 15.01 15.82
CA PHE E 31 21.60 16.27 16.05
C PHE E 31 21.09 16.25 17.47
N ASN E 32 21.32 17.35 18.18
CA ASN E 32 20.81 17.60 19.54
C ASN E 32 19.79 18.71 19.44
N TRP E 33 18.62 18.54 20.06
CA TRP E 33 17.53 19.53 20.02
C TRP E 33 16.74 19.50 21.32
N SER E 34 15.97 20.56 21.60
CA SER E 34 15.19 20.72 22.85
C SER E 34 13.70 20.81 22.52
N ASP E 35 12.85 20.36 23.45
CA ASP E 35 11.39 20.65 23.42
C ASP E 35 11.17 22.04 24.05
N GLN E 36 12.07 22.49 24.93
CA GLN E 36 11.95 23.82 25.60
C GLN E 36 11.87 24.92 24.53
N TYR E 37 12.87 25.01 23.64
CA TYR E 37 13.03 26.07 22.61
C TYR E 37 12.63 25.61 21.20
N LYS E 38 12.33 24.33 20.99
CA LYS E 38 11.93 23.74 19.68
C LYS E 38 12.98 24.09 18.62
N LEU E 39 14.28 24.01 18.95
CA LEU E 39 15.43 24.33 18.04
C LEU E 39 16.42 23.16 18.00
N LEU E 40 17.23 23.06 16.95
CA LEU E 40 18.52 22.33 17.01
C LEU E 40 19.52 23.19 17.80
N HIS E 41 20.29 22.57 18.68
CA HIS E 41 21.34 23.27 19.47
C HIS E 41 22.76 22.84 19.06
N HIS E 42 22.97 21.61 18.63
CA HIS E 42 24.34 21.06 18.53
C HIS E 42 24.37 19.97 17.46
N ILE E 43 25.46 19.89 16.73
CA ILE E 43 25.67 18.88 15.66
C ILE E 43 27.07 18.33 15.84
N GLU E 44 27.24 17.01 15.73
CA GLU E 44 28.56 16.34 15.67
C GLU E 44 28.60 15.51 14.41
N VAL E 45 29.76 15.46 13.82
CA VAL E 45 30.02 14.74 12.56
C VAL E 45 31.31 13.96 12.74
N LYS E 46 31.36 12.72 12.23
CA LYS E 46 32.59 11.93 12.04
C LYS E 46 32.75 11.65 10.55
N PHE E 47 33.98 11.55 10.06
CA PHE E 47 34.25 11.22 8.65
C PHE E 47 34.87 9.80 8.60
N ILE E 48 34.70 9.12 7.47
CA ILE E 48 35.45 7.90 7.08
C ILE E 48 36.94 8.09 7.42
N ASN E 49 37.60 7.07 7.97
CA ASN E 49 39.08 6.97 8.24
C ASN E 49 39.57 8.18 9.05
N ASN E 50 38.86 8.57 10.12
CA ASN E 50 39.17 9.74 11.00
C ASN E 50 38.35 9.60 12.28
N ALA E 51 38.99 9.35 13.42
CA ALA E 51 38.31 9.03 14.70
C ALA E 51 37.93 10.35 15.40
N ASN E 52 38.40 11.49 14.88
CA ASN E 52 38.07 12.85 15.43
C ASN E 52 36.59 13.17 15.22
N ILE E 53 35.99 13.74 16.26
CA ILE E 53 34.58 14.21 16.33
C ILE E 53 34.57 15.73 16.15
N TYR E 54 33.85 16.23 15.15
CA TYR E 54 33.71 17.68 14.80
C TYR E 54 32.35 18.14 15.27
N ALA E 55 32.33 19.12 16.16
CA ALA E 55 31.14 19.52 16.92
C ALA E 55 30.95 21.03 16.80
N THR E 56 29.71 21.49 16.83
CA THR E 56 29.36 22.92 16.82
C THR E 56 28.07 23.11 17.61
N GLY E 57 27.94 24.25 18.28
CA GLY E 57 26.76 24.54 19.11
C GLY E 57 26.92 24.03 20.53
N ASP E 58 25.85 24.01 21.30
CA ASP E 58 25.86 23.73 22.74
C ASP E 58 24.92 22.56 22.97
N PRO E 59 25.42 21.40 23.44
CA PRO E 59 24.57 20.23 23.60
C PRO E 59 23.56 20.32 24.75
N LYS E 60 22.75 21.37 24.80
CA LYS E 60 21.86 21.72 25.94
C LYS E 60 20.51 21.03 25.76
N GLY E 61 20.23 20.41 24.62
CA GLY E 61 18.88 19.87 24.36
C GLY E 61 18.65 18.55 25.08
N ASN E 62 17.40 18.14 25.21
CA ASN E 62 16.98 16.94 25.98
C ASN E 62 16.83 15.74 25.03
N HIS E 63 17.02 15.89 23.71
CA HIS E 63 16.98 14.77 22.73
C HIS E 63 18.22 14.77 21.84
N GLU E 64 18.65 13.58 21.39
CA GLU E 64 19.64 13.44 20.31
C GLU E 64 19.25 12.29 19.38
N VAL E 65 19.59 12.41 18.10
CA VAL E 65 19.56 11.29 17.10
C VAL E 65 20.89 11.24 16.42
N ILE E 66 21.30 10.02 16.09
CA ILE E 66 22.51 9.71 15.28
C ILE E 66 22.06 8.94 14.05
N LEU E 67 22.52 9.34 12.87
CA LEU E 67 22.48 8.51 11.65
C LEU E 67 23.91 8.08 11.36
N GLU E 68 24.13 6.78 11.22
CA GLU E 68 25.41 6.22 10.74
C GLU E 68 25.18 5.86 9.27
N ILE E 69 26.18 6.03 8.41
CA ILE E 69 26.03 5.96 6.94
C ILE E 69 27.11 5.01 6.40
N ASP E 70 26.68 3.95 5.71
CA ASP E 70 27.62 2.94 5.14
C ASP E 70 28.43 3.67 4.08
N ASP E 71 29.60 3.14 3.69
CA ASP E 71 30.51 3.83 2.74
C ASP E 71 29.75 4.08 1.42
N ASP E 72 28.87 3.16 1.00
CA ASP E 72 28.23 3.14 -0.34
C ASP E 72 26.80 3.73 -0.25
N GLU E 73 26.47 4.38 0.85
CA GLU E 73 25.09 4.81 1.18
C GLU E 73 24.93 6.31 0.90
N THR E 74 23.82 6.69 0.26
CA THR E 74 23.55 8.10 -0.13
C THR E 74 22.32 8.63 0.60
N ILE E 75 22.18 9.95 0.60
CA ILE E 75 20.93 10.65 1.02
C ILE E 75 20.06 10.79 -0.24
N ILE E 76 18.85 10.23 -0.22
CA ILE E 76 17.90 10.31 -1.38
C ILE E 76 16.76 11.27 -1.05
N GLY E 77 16.62 11.67 0.21
CA GLY E 77 15.63 12.64 0.67
C GLY E 77 16.18 13.39 1.87
N SER E 78 15.90 14.67 1.98
CA SER E 78 16.56 15.53 2.97
C SER E 78 15.74 16.79 3.10
N VAL E 79 15.32 17.10 4.31
CA VAL E 79 14.46 18.27 4.61
C VAL E 79 15.01 18.95 5.87
N ILE E 80 15.22 20.26 5.81
CA ILE E 80 15.64 21.04 7.01
C ILE E 80 14.54 22.03 7.35
N GLY E 81 14.09 21.99 8.60
CA GLY E 81 13.11 22.95 9.14
C GLY E 81 13.84 24.14 9.72
N TYR E 82 13.31 25.35 9.54
CA TYR E 82 13.99 26.57 10.00
C TYR E 82 12.99 27.69 10.18
N LYS E 83 13.38 28.66 10.99
CA LYS E 83 12.81 30.03 11.02
C LYS E 83 13.67 30.89 10.09
N LYS E 84 13.02 31.59 9.18
CA LYS E 84 13.67 32.43 8.14
C LYS E 84 14.03 33.78 8.76
N GLY E 85 14.86 34.55 8.06
CA GLY E 85 15.17 35.94 8.43
C GLY E 85 16.51 36.04 9.11
N ASN E 86 16.94 37.27 9.37
CA ASN E 86 18.27 37.57 9.99
C ASN E 86 18.39 36.84 11.32
N ASP E 87 17.34 36.81 12.16
CA ASP E 87 17.38 36.19 13.50
C ASP E 87 16.82 34.75 13.42
N GLY E 88 17.00 34.09 12.30
CA GLY E 88 16.54 32.70 12.09
C GLY E 88 17.39 31.66 12.79
N ARG E 89 16.88 30.42 12.80
CA ARG E 89 17.45 29.21 13.47
C ARG E 89 17.08 27.98 12.64
N CYS E 90 17.84 26.88 12.72
CA CYS E 90 17.38 25.54 12.29
C CYS E 90 16.59 24.88 13.42
N THR E 91 15.42 24.34 13.07
CA THR E 91 14.43 23.79 14.03
C THR E 91 14.41 22.26 13.90
N GLY E 92 14.71 21.68 12.73
CA GLY E 92 14.62 20.23 12.53
C GLY E 92 15.33 19.75 11.27
N VAL E 93 15.57 18.42 11.18
CA VAL E 93 16.13 17.68 9.99
C VAL E 93 15.38 16.37 9.84
N LYS E 94 15.06 15.96 8.62
CA LYS E 94 14.61 14.59 8.23
C LYS E 94 15.60 14.17 7.13
N LEU E 95 16.33 13.07 7.33
CA LEU E 95 17.15 12.43 6.27
C LEU E 95 16.56 11.06 5.96
N THR E 96 16.61 10.66 4.68
CA THR E 96 16.32 9.30 4.19
C THR E 96 17.44 8.86 3.27
N THR E 97 17.86 7.60 3.38
CA THR E 97 19.05 7.06 2.68
C THR E 97 18.67 6.05 1.58
N SER E 98 19.64 5.73 0.73
CA SER E 98 19.54 4.73 -0.36
C SER E 98 19.21 3.35 0.18
N LYS E 99 19.27 3.12 1.50
CA LYS E 99 19.06 1.79 2.12
C LYS E 99 17.82 1.82 3.03
N GLY E 100 16.96 2.82 2.92
CA GLY E 100 15.69 2.83 3.66
C GLY E 100 15.86 3.23 5.11
N LYS E 101 17.03 3.69 5.53
CA LYS E 101 17.23 4.29 6.87
C LYS E 101 16.72 5.73 6.85
N SER E 102 16.15 6.17 7.95
CA SER E 102 15.72 7.58 8.09
C SER E 102 15.92 8.04 9.53
N ILE E 103 16.05 9.35 9.75
CA ILE E 103 16.04 9.98 11.10
C ILE E 103 15.14 11.20 11.05
N MET E 104 14.66 11.61 12.20
CA MET E 104 13.85 12.85 12.33
C MET E 104 14.26 13.51 13.65
N ALA E 105 14.78 14.73 13.56
CA ALA E 105 15.23 15.55 14.72
C ALA E 105 14.43 16.82 14.72
N GLY E 106 13.92 17.21 15.88
CA GLY E 106 13.35 18.55 16.15
C GLY E 106 12.00 18.77 15.48
N TYR E 107 11.76 20.03 15.08
CA TYR E 107 10.44 20.61 14.75
C TYR E 107 10.45 21.28 13.37
N PHE E 108 9.24 21.42 12.82
CA PHE E 108 8.99 21.89 11.44
C PHE E 108 7.77 22.80 11.47
N GLU E 109 7.92 23.98 12.05
CA GLU E 109 6.75 24.83 12.37
C GLU E 109 6.74 26.09 11.50
N GLU E 110 7.67 26.27 10.57
CA GLU E 110 7.68 27.52 9.75
C GLU E 110 8.11 27.22 8.32
N SER E 111 9.41 27.05 8.04
CA SER E 111 9.93 26.99 6.66
C SER E 111 10.66 25.67 6.47
N LEU E 112 10.75 25.19 5.22
CA LEU E 112 11.40 23.89 4.89
C LEU E 112 12.26 24.12 3.67
N ILE E 113 13.39 23.45 3.58
CA ILE E 113 14.05 23.23 2.28
C ILE E 113 14.06 21.72 2.05
N THR E 114 13.79 21.27 0.83
CA THR E 114 14.14 19.90 0.34
C THR E 114 15.38 20.07 -0.52
N THR E 115 16.49 19.52 -0.05
CA THR E 115 17.84 19.86 -0.57
C THR E 115 18.17 18.98 -1.77
N TYR E 116 19.31 19.27 -2.39
CA TYR E 116 19.98 18.35 -3.35
C TYR E 116 20.15 17.01 -2.65
N THR E 117 20.38 15.97 -3.45
CA THR E 117 20.60 14.59 -2.95
C THR E 117 21.98 14.11 -3.35
N GLY E 118 22.41 13.00 -2.78
CA GLY E 118 23.71 12.39 -3.12
C GLY E 118 24.49 11.98 -1.90
N LYS E 119 25.80 11.84 -2.09
CA LYS E 119 26.73 11.35 -1.06
C LYS E 119 27.03 12.53 -0.12
N LEU E 120 26.60 12.47 1.15
CA LEU E 120 26.79 13.59 2.11
C LEU E 120 28.27 13.67 2.47
N ALA E 121 28.92 14.77 2.14
CA ALA E 121 30.38 14.97 2.23
C ALA E 121 30.73 15.86 3.42
N GLY E 122 29.90 16.82 3.75
CA GLY E 122 30.18 17.78 4.82
C GLY E 122 28.97 18.60 5.19
N ILE E 123 29.14 19.51 6.15
CA ILE E 123 28.12 20.51 6.54
C ILE E 123 28.83 21.84 6.77
N LYS E 124 28.04 22.90 6.85
CA LYS E 124 28.52 24.29 6.89
C LYS E 124 27.38 25.13 7.48
N GLY E 125 27.69 26.13 8.28
CA GLY E 125 26.66 27.06 8.81
C GLY E 125 27.20 27.90 9.92
N GLY E 126 26.32 28.26 10.87
CA GLY E 126 26.64 29.08 12.03
C GLY E 126 25.99 28.50 13.26
N ALA E 127 26.73 28.45 14.37
CA ALA E 127 26.18 27.95 15.65
C ALA E 127 26.76 28.74 16.83
N GLY E 128 25.95 28.91 17.87
CA GLY E 128 26.34 29.39 19.20
C GLY E 128 25.68 28.53 20.28
N SER E 129 24.65 29.05 20.93
CA SER E 129 23.76 28.28 21.83
C SER E 129 22.82 27.41 20.99
N ASP E 130 22.54 27.84 19.76
CA ASP E 130 21.61 27.15 18.84
C ASP E 130 22.36 26.90 17.53
N ILE E 131 21.78 26.06 16.67
CA ILE E 131 22.19 26.01 15.24
C ILE E 131 21.47 27.14 14.51
N ASP E 132 22.20 28.20 14.18
CA ASP E 132 21.64 29.41 13.53
C ASP E 132 21.28 29.05 12.09
N ARG E 133 22.13 28.25 11.46
CA ARG E 133 22.21 28.19 9.99
C ARG E 133 22.81 26.84 9.66
N LEU E 134 22.26 26.09 8.71
CA LEU E 134 22.83 24.79 8.30
C LEU E 134 22.69 24.61 6.79
N GLY E 135 23.76 24.13 6.17
CA GLY E 135 23.79 23.73 4.76
C GLY E 135 24.53 22.41 4.55
N LEU E 136 23.94 21.51 3.77
CA LEU E 136 24.59 20.22 3.49
C LEU E 136 25.55 20.41 2.30
N ILE E 137 26.54 19.54 2.22
CA ILE E 137 27.54 19.49 1.12
C ILE E 137 27.61 18.06 0.60
N PHE E 138 27.47 17.85 -0.70
CA PHE E 138 27.46 16.53 -1.34
C PHE E 138 28.61 16.43 -2.34
N LEU E 139 29.04 15.20 -2.66
CA LEU E 139 30.01 14.86 -3.73
C LEU E 139 29.37 14.92 -5.13
N LYS E 140 30.18 14.91 -6.20
CA LYS E 140 29.73 14.67 -7.60
C LYS E 140 30.52 13.52 -8.23
N ASP F 1 -4.58 -41.03 -5.74
CA ASP F 1 -3.52 -41.61 -6.67
C ASP F 1 -2.69 -40.47 -7.31
N ASN F 2 -3.37 -39.72 -8.18
CA ASN F 2 -2.93 -38.46 -8.85
C ASN F 2 -3.52 -37.23 -8.13
N TYR F 3 -3.97 -37.38 -6.87
CA TYR F 3 -4.74 -36.37 -6.11
C TYR F 3 -4.15 -36.14 -4.72
N ILE F 4 -4.25 -34.90 -4.22
CA ILE F 4 -3.95 -34.49 -2.82
C ILE F 4 -5.27 -34.33 -2.08
N TYR F 5 -5.48 -35.08 -1.01
CA TYR F 5 -6.71 -35.01 -0.17
C TYR F 5 -6.43 -34.10 1.02
N SER F 6 -7.02 -32.92 1.03
CA SER F 6 -6.99 -31.99 2.17
C SER F 6 -7.83 -32.62 3.29
N THR F 7 -7.51 -32.27 4.53
CA THR F 7 -8.19 -32.78 5.74
C THR F 7 -9.68 -32.41 5.68
N GLU F 8 -10.54 -33.38 5.99
CA GLU F 8 -11.99 -33.16 6.18
C GLU F 8 -12.19 -32.55 7.56
N VAL F 9 -12.72 -31.34 7.64
CA VAL F 9 -12.90 -30.67 8.96
C VAL F 9 -14.39 -30.62 9.31
N GLY F 10 -14.68 -30.78 10.59
CA GLY F 10 -16.04 -30.84 11.14
C GLY F 10 -16.32 -32.14 11.86
N GLY F 11 -17.59 -32.52 11.93
CA GLY F 11 -18.09 -33.69 12.70
C GLY F 11 -18.14 -34.95 11.86
N VAL F 12 -18.60 -36.03 12.49
CA VAL F 12 -18.68 -37.41 11.92
C VAL F 12 -20.08 -37.63 11.33
N GLY F 13 -21.00 -36.69 11.55
CA GLY F 13 -22.43 -36.79 11.15
C GLY F 13 -22.65 -36.73 9.64
N GLY F 14 -23.91 -36.87 9.23
CA GLY F 14 -24.36 -36.69 7.83
C GLY F 14 -24.12 -37.91 6.95
N THR F 15 -24.62 -37.87 5.73
CA THR F 15 -24.41 -38.91 4.69
C THR F 15 -23.09 -38.60 3.97
N PRO F 16 -22.16 -39.55 3.85
CA PRO F 16 -20.91 -39.30 3.14
C PRO F 16 -21.12 -38.95 1.66
N PHE F 17 -20.29 -38.05 1.13
CA PHE F 17 -20.28 -37.68 -0.31
C PHE F 17 -18.84 -37.60 -0.81
N THR F 18 -18.65 -37.96 -2.07
CA THR F 18 -17.40 -37.72 -2.81
C THR F 18 -17.78 -37.26 -4.22
N PHE F 19 -17.39 -36.04 -4.58
CA PHE F 19 -17.56 -35.48 -5.94
C PHE F 19 -16.18 -35.35 -6.57
N MET F 20 -15.95 -36.14 -7.62
CA MET F 20 -14.72 -36.19 -8.44
C MET F 20 -15.08 -36.76 -9.81
N GLN F 21 -14.42 -36.31 -10.87
CA GLN F 21 -14.61 -36.82 -12.25
C GLN F 21 -13.22 -36.80 -12.88
N GLU F 22 -12.77 -37.84 -13.59
CA GLU F 22 -11.41 -37.82 -14.16
C GLU F 22 -11.38 -37.04 -15.47
N SER F 23 -12.57 -36.82 -16.05
CA SER F 23 -12.71 -36.05 -17.32
C SER F 23 -12.76 -34.52 -17.11
N GLY F 24 -12.35 -34.00 -15.95
CA GLY F 24 -12.31 -32.54 -15.73
C GLY F 24 -12.25 -32.14 -14.28
N THR F 25 -11.79 -30.93 -14.01
CA THR F 25 -11.72 -30.37 -12.65
C THR F 25 -13.03 -29.63 -12.32
N ILE F 26 -13.09 -29.04 -11.14
CA ILE F 26 -14.28 -28.23 -10.73
C ILE F 26 -14.23 -26.89 -11.50
N THR F 27 -15.36 -26.57 -12.14
CA THR F 27 -15.56 -25.33 -12.92
C THR F 27 -16.47 -24.36 -12.16
N SER F 28 -17.32 -24.86 -11.27
CA SER F 28 -18.22 -24.00 -10.46
C SER F 28 -18.43 -24.66 -9.08
N ILE F 29 -18.44 -23.86 -8.03
CA ILE F 29 -18.79 -24.36 -6.66
C ILE F 29 -19.67 -23.34 -5.97
N LYS F 30 -20.74 -23.80 -5.34
CA LYS F 30 -21.74 -22.96 -4.67
C LYS F 30 -21.83 -23.35 -3.20
N PHE F 31 -21.80 -22.39 -2.30
CA PHE F 31 -22.00 -22.62 -0.85
C PHE F 31 -23.26 -21.90 -0.43
N ASN F 32 -24.12 -22.62 0.28
CA ASN F 32 -25.38 -22.09 0.87
C ASN F 32 -25.19 -22.12 2.38
N TRP F 33 -25.53 -21.02 3.04
CA TRP F 33 -25.35 -20.88 4.50
C TRP F 33 -26.42 -20.00 5.08
N SER F 34 -26.64 -20.08 6.39
CA SER F 34 -27.71 -19.34 7.10
C SER F 34 -27.09 -18.40 8.14
N ASP F 35 -27.76 -17.29 8.41
CA ASP F 35 -27.49 -16.42 9.59
C ASP F 35 -28.18 -17.03 10.81
N GLN F 36 -29.28 -17.77 10.60
CA GLN F 36 -30.06 -18.41 11.69
C GLN F 36 -29.12 -19.31 12.52
N TYR F 37 -28.49 -20.30 11.88
CA TYR F 37 -27.62 -21.35 12.50
C TYR F 37 -26.11 -21.07 12.34
N LYS F 38 -25.71 -20.08 11.57
CA LYS F 38 -24.28 -19.70 11.34
C LYS F 38 -23.49 -20.93 10.83
N LEU F 39 -24.08 -21.72 9.93
CA LEU F 39 -23.50 -22.98 9.36
C LEU F 39 -23.55 -22.94 7.82
N LEU F 40 -22.69 -23.71 7.17
CA LEU F 40 -22.96 -24.14 5.77
C LEU F 40 -24.03 -25.25 5.80
N HIS F 41 -24.98 -25.19 4.87
CA HIS F 41 -26.04 -26.22 4.75
C HIS F 41 -25.91 -27.05 3.46
N HIS F 42 -25.38 -26.50 2.38
CA HIS F 42 -25.53 -27.15 1.06
C HIS F 42 -24.39 -26.70 0.15
N ILE F 43 -23.91 -27.60 -0.69
CA ILE F 43 -22.81 -27.33 -1.65
C ILE F 43 -23.25 -27.93 -2.97
N GLU F 44 -23.05 -27.22 -4.09
CA GLU F 44 -23.21 -27.76 -5.45
C GLU F 44 -21.89 -27.54 -6.17
N VAL F 45 -21.55 -28.50 -7.01
CA VAL F 45 -20.31 -28.48 -7.80
C VAL F 45 -20.68 -28.84 -9.24
N LYS F 46 -20.05 -28.19 -10.22
CA LYS F 46 -20.07 -28.63 -11.65
C LYS F 46 -18.63 -28.93 -12.07
N PHE F 47 -18.43 -29.86 -12.97
CA PHE F 47 -17.08 -30.19 -13.51
C PHE F 47 -17.02 -29.74 -14.98
N ILE F 48 -15.82 -29.43 -15.46
CA ILE F 48 -15.49 -29.23 -16.89
C ILE F 48 -16.15 -30.34 -17.71
N ASN F 49 -16.75 -30.00 -18.86
CA ASN F 49 -17.30 -30.94 -19.89
C ASN F 49 -18.31 -31.91 -19.26
N ASN F 50 -19.24 -31.43 -18.43
CA ASN F 50 -20.26 -32.22 -17.71
C ASN F 50 -21.34 -31.25 -17.19
N ALA F 51 -22.56 -31.32 -17.74
CA ALA F 51 -23.65 -30.36 -17.45
C ALA F 51 -24.36 -30.78 -16.16
N ASN F 52 -24.05 -31.97 -15.62
CA ASN F 52 -24.61 -32.47 -14.32
C ASN F 52 -24.13 -31.62 -13.15
N ILE F 53 -25.08 -31.32 -12.26
CA ILE F 53 -24.90 -30.57 -10.99
C ILE F 53 -24.88 -31.59 -9.86
N TYR F 54 -23.81 -31.63 -9.06
CA TYR F 54 -23.60 -32.54 -7.90
C TYR F 54 -23.82 -31.73 -6.63
N ALA F 55 -24.80 -32.15 -5.83
CA ALA F 55 -25.33 -31.38 -4.69
C ALA F 55 -25.32 -32.28 -3.45
N THR F 56 -25.13 -31.68 -2.27
CA THR F 56 -25.18 -32.38 -0.97
C THR F 56 -25.68 -31.39 0.07
N GLY F 57 -26.42 -31.87 1.07
CA GLY F 57 -26.99 -31.01 2.11
C GLY F 57 -28.35 -30.46 1.71
N ASP F 58 -28.87 -29.51 2.46
CA ASP F 58 -30.25 -28.98 2.34
C ASP F 58 -30.13 -27.49 2.10
N PRO F 59 -30.55 -26.98 0.92
CA PRO F 59 -30.39 -25.56 0.60
C PRO F 59 -31.30 -24.62 1.40
N LYS F 60 -31.31 -24.72 2.74
CA LYS F 60 -32.27 -24.01 3.61
C LYS F 60 -31.71 -22.65 4.01
N GLY F 61 -30.48 -22.33 3.69
CA GLY F 61 -29.89 -21.06 4.13
C GLY F 61 -30.37 -19.87 3.34
N ASN F 62 -30.18 -18.66 3.87
CA ASN F 62 -30.70 -17.40 3.31
C ASN F 62 -29.65 -16.70 2.45
N HIS F 63 -28.43 -17.25 2.34
CA HIS F 63 -27.35 -16.72 1.45
C HIS F 63 -26.77 -17.82 0.57
N GLU F 64 -26.29 -17.47 -0.63
CA GLU F 64 -25.44 -18.39 -1.44
C GLU F 64 -24.33 -17.58 -2.12
N VAL F 65 -23.17 -18.20 -2.31
CA VAL F 65 -22.08 -17.67 -3.19
C VAL F 65 -21.69 -18.75 -4.15
N ILE F 66 -21.36 -18.32 -5.36
CA ILE F 66 -20.81 -19.16 -6.45
C ILE F 66 -19.45 -18.60 -6.81
N LEU F 67 -18.45 -19.47 -6.90
CA LEU F 67 -17.18 -19.17 -7.59
C LEU F 67 -17.17 -19.98 -8.88
N GLU F 68 -16.90 -19.33 -10.00
CA GLU F 68 -16.61 -20.02 -11.29
C GLU F 68 -15.10 -20.00 -11.47
N ILE F 69 -14.51 -21.05 -12.06
CA ILE F 69 -13.04 -21.22 -12.15
C ILE F 69 -12.65 -21.50 -13.60
N ASP F 70 -11.80 -20.65 -14.18
CA ASP F 70 -11.36 -20.78 -15.59
C ASP F 70 -10.58 -22.10 -15.68
N ASP F 71 -10.40 -22.67 -16.86
CA ASP F 71 -9.78 -24.02 -17.02
C ASP F 71 -8.36 -23.98 -16.43
N ASP F 72 -7.65 -22.85 -16.56
CA ASP F 72 -6.21 -22.71 -16.24
C ASP F 72 -6.02 -22.07 -14.86
N GLU F 73 -7.08 -21.97 -14.06
CA GLU F 73 -7.14 -21.16 -12.82
C GLU F 73 -7.00 -22.08 -11.61
N THR F 74 -6.18 -21.70 -10.63
CA THR F 74 -5.89 -22.52 -9.42
C THR F 74 -6.37 -21.78 -8.17
N ILE F 75 -6.47 -22.55 -7.08
CA ILE F 75 -6.70 -22.02 -5.71
C ILE F 75 -5.31 -21.76 -5.11
N ILE F 76 -5.02 -20.52 -4.72
CA ILE F 76 -3.72 -20.14 -4.12
C ILE F 76 -3.91 -19.87 -2.62
N GLY F 77 -5.14 -19.75 -2.16
CA GLY F 77 -5.47 -19.59 -0.74
C GLY F 77 -6.84 -20.18 -0.47
N SER F 78 -7.04 -20.77 0.68
CA SER F 78 -8.27 -21.53 0.95
C SER F 78 -8.35 -21.75 2.45
N VAL F 79 -9.45 -21.35 3.05
CA VAL F 79 -9.64 -21.40 4.52
C VAL F 79 -11.05 -21.92 4.80
N ILE F 80 -11.16 -22.95 5.63
CA ILE F 80 -12.48 -23.49 6.04
C ILE F 80 -12.67 -23.27 7.52
N GLY F 81 -13.77 -22.62 7.88
CA GLY F 81 -14.21 -22.43 9.27
C GLY F 81 -15.04 -23.60 9.72
N TYR F 82 -14.89 -24.02 10.96
CA TYR F 82 -15.62 -25.21 11.48
C TYR F 82 -15.70 -25.16 13.00
N LYS F 83 -16.67 -25.90 13.52
CA LYS F 83 -16.75 -26.35 14.93
C LYS F 83 -16.14 -27.75 14.94
N LYS F 84 -15.19 -27.95 15.85
CA LYS F 84 -14.44 -29.21 16.00
C LYS F 84 -15.25 -30.19 16.86
N GLY F 85 -14.83 -31.46 16.90
CA GLY F 85 -15.42 -32.50 17.75
C GLY F 85 -16.33 -33.39 16.95
N ASN F 86 -16.82 -34.47 17.57
CA ASN F 86 -17.69 -35.47 16.92
C ASN F 86 -18.95 -34.78 16.37
N ASP F 87 -19.55 -33.82 17.09
CA ASP F 87 -20.81 -33.15 16.66
C ASP F 87 -20.43 -31.81 15.99
N GLY F 88 -19.30 -31.77 15.29
CA GLY F 88 -18.85 -30.58 14.56
C GLY F 88 -19.61 -30.35 13.24
N ARG F 89 -19.36 -29.18 12.64
CA ARG F 89 -19.99 -28.68 11.40
C ARG F 89 -18.99 -27.79 10.66
N CYS F 90 -19.11 -27.60 9.35
CA CYS F 90 -18.45 -26.47 8.64
C CYS F 90 -19.30 -25.22 8.73
N THR F 91 -18.66 -24.10 9.07
CA THR F 91 -19.32 -22.80 9.34
C THR F 91 -19.03 -21.82 8.21
N GLY F 92 -17.90 -21.93 7.51
CA GLY F 92 -17.54 -20.94 6.46
C GLY F 92 -16.40 -21.42 5.55
N VAL F 93 -16.25 -20.76 4.39
CA VAL F 93 -15.16 -20.96 3.38
C VAL F 93 -14.72 -19.60 2.84
N LYS F 94 -13.42 -19.40 2.66
CA LYS F 94 -12.80 -18.28 1.90
C LYS F 94 -11.91 -18.97 0.86
N LEU F 95 -12.15 -18.75 -0.43
CA LEU F 95 -11.25 -19.22 -1.52
C LEU F 95 -10.66 -17.99 -2.22
N THR F 96 -9.40 -18.07 -2.63
CA THR F 96 -8.71 -17.07 -3.48
C THR F 96 -8.00 -17.81 -4.61
N THR F 97 -8.05 -17.27 -5.83
CA THR F 97 -7.57 -17.93 -7.06
C THR F 97 -6.33 -17.25 -7.65
N SER F 98 -5.65 -17.94 -8.55
CA SER F 98 -4.45 -17.46 -9.28
C SER F 98 -4.79 -16.23 -10.12
N LYS F 99 -6.07 -15.84 -10.26
CA LYS F 99 -6.50 -14.67 -11.06
C LYS F 99 -7.11 -13.58 -10.19
N GLY F 100 -6.92 -13.61 -8.89
CA GLY F 100 -7.34 -12.51 -8.00
C GLY F 100 -8.80 -12.58 -7.65
N LYS F 101 -9.53 -13.63 -8.04
CA LYS F 101 -10.94 -13.83 -7.63
C LYS F 101 -10.96 -14.40 -6.21
N SER F 102 -11.92 -13.96 -5.40
CA SER F 102 -12.12 -14.53 -4.07
C SER F 102 -13.62 -14.61 -3.75
N ILE F 103 -14.01 -15.51 -2.87
CA ILE F 103 -15.40 -15.62 -2.31
C ILE F 103 -15.31 -15.82 -0.81
N MET F 104 -16.37 -15.45 -0.11
CA MET F 104 -16.44 -15.63 1.34
C MET F 104 -17.88 -16.03 1.69
N ALA F 105 -18.03 -17.23 2.25
CA ALA F 105 -19.32 -17.83 2.68
C ALA F 105 -19.28 -18.08 4.16
N GLY F 106 -20.31 -17.69 4.88
CA GLY F 106 -20.58 -18.11 6.26
C GLY F 106 -19.70 -17.44 7.28
N TYR F 107 -19.37 -18.18 8.35
CA TYR F 107 -18.84 -17.68 9.63
C TYR F 107 -17.56 -18.43 10.04
N PHE F 108 -16.77 -17.77 10.87
CA PHE F 108 -15.43 -18.23 11.31
C PHE F 108 -15.27 -17.87 12.78
N GLU F 109 -15.98 -18.57 13.64
CA GLU F 109 -16.07 -18.20 15.07
C GLU F 109 -15.37 -19.25 15.95
N GLU F 110 -14.73 -20.29 15.38
CA GLU F 110 -14.11 -21.32 16.27
C GLU F 110 -12.78 -21.78 15.69
N SER F 111 -12.79 -22.67 14.71
CA SER F 111 -11.57 -23.36 14.23
C SER F 111 -11.38 -23.06 12.73
N LEU F 112 -10.15 -23.12 12.23
CA LEU F 112 -9.81 -22.81 10.82
C LEU F 112 -8.84 -23.87 10.35
N ILE F 113 -8.94 -24.25 9.09
CA ILE F 113 -7.81 -24.89 8.37
C ILE F 113 -7.42 -23.97 7.21
N THR F 114 -6.13 -23.78 6.98
CA THR F 114 -5.55 -23.26 5.71
C THR F 114 -5.06 -24.47 4.93
N THR F 115 -5.70 -24.78 3.82
CA THR F 115 -5.54 -26.08 3.15
C THR F 115 -4.35 -26.05 2.19
N TYR F 116 -4.02 -27.22 1.64
CA TYR F 116 -3.15 -27.34 0.45
C TYR F 116 -3.69 -26.42 -0.64
N THR F 117 -2.86 -26.09 -1.61
CA THR F 117 -3.22 -25.24 -2.76
C THR F 117 -3.08 -26.04 -4.05
N GLY F 118 -3.58 -25.48 -5.14
CA GLY F 118 -3.48 -26.13 -6.45
C GLY F 118 -4.79 -26.12 -7.21
N LYS F 119 -4.86 -27.01 -8.19
CA LYS F 119 -6.03 -27.13 -9.10
C LYS F 119 -7.13 -27.88 -8.34
N LEU F 120 -8.25 -27.23 -8.03
CA LEU F 120 -9.34 -27.88 -7.26
C LEU F 120 -10.02 -28.92 -8.16
N ALA F 121 -9.95 -30.19 -7.78
CA ALA F 121 -10.41 -31.33 -8.59
C ALA F 121 -11.72 -31.89 -8.06
N GLY F 122 -11.96 -31.83 -6.76
CA GLY F 122 -13.17 -32.42 -6.16
C GLY F 122 -13.36 -32.01 -4.71
N ILE F 123 -14.43 -32.48 -4.08
CA ILE F 123 -14.68 -32.27 -2.63
C ILE F 123 -15.23 -33.58 -2.07
N LYS F 124 -15.24 -33.68 -0.73
CA LYS F 124 -15.51 -34.92 0.00
C LYS F 124 -15.94 -34.52 1.42
N GLY F 125 -16.87 -35.23 2.03
CA GLY F 125 -17.25 -34.98 3.42
C GLY F 125 -18.54 -35.67 3.78
N GLY F 126 -19.31 -35.06 4.69
CA GLY F 126 -20.60 -35.55 5.17
C GLY F 126 -21.60 -34.44 5.26
N ALA F 127 -22.82 -34.67 4.81
CA ALA F 127 -23.89 -33.65 4.83
C ALA F 127 -25.23 -34.31 5.13
N GLY F 128 -26.08 -33.57 5.84
CA GLY F 128 -27.52 -33.87 5.99
C GLY F 128 -28.31 -32.58 5.87
N SER F 129 -28.79 -32.04 6.99
CA SER F 129 -29.40 -30.70 7.06
C SER F 129 -28.29 -29.64 6.97
N ASP F 130 -27.08 -30.00 7.40
CA ASP F 130 -25.91 -29.09 7.43
C ASP F 130 -24.78 -29.76 6.67
N ILE F 131 -23.71 -29.01 6.36
CA ILE F 131 -22.42 -29.61 5.96
C ILE F 131 -21.68 -29.98 7.25
N ASP F 132 -21.64 -31.28 7.54
CA ASP F 132 -21.02 -31.80 8.78
C ASP F 132 -19.50 -31.66 8.68
N ARG F 133 -18.99 -31.89 7.48
CA ARG F 133 -17.56 -32.23 7.28
C ARG F 133 -17.24 -31.87 5.85
N LEU F 134 -16.13 -31.20 5.57
CA LEU F 134 -15.73 -30.84 4.20
C LEU F 134 -14.22 -30.91 4.05
N GLY F 135 -13.77 -31.51 2.95
CA GLY F 135 -12.37 -31.65 2.55
C GLY F 135 -12.19 -31.40 1.06
N LEU F 136 -11.19 -30.59 0.69
CA LEU F 136 -10.93 -30.28 -0.72
C LEU F 136 -10.02 -31.38 -1.28
N ILE F 137 -10.05 -31.55 -2.60
CA ILE F 137 -9.20 -32.49 -3.37
C ILE F 137 -8.58 -31.72 -4.51
N PHE F 138 -7.26 -31.79 -4.64
CA PHE F 138 -6.48 -31.07 -5.67
C PHE F 138 -5.75 -32.07 -6.56
N LEU F 139 -5.36 -31.64 -7.77
CA LEU F 139 -4.49 -32.38 -8.73
C LEU F 139 -3.02 -32.24 -8.35
N LYS F 140 -2.08 -32.82 -9.13
CA LYS F 140 -0.62 -32.58 -9.05
C LYS F 140 -0.04 -32.28 -10.43
N ASP G 1 -20.36 -22.60 -27.98
CA ASP G 1 -19.38 -23.73 -28.14
C ASP G 1 -17.93 -23.20 -28.16
N ASN G 2 -17.67 -22.06 -28.85
CA ASN G 2 -16.46 -21.19 -28.65
C ASN G 2 -16.84 -19.88 -27.93
N TYR G 3 -17.72 -20.00 -26.94
CA TYR G 3 -18.11 -19.00 -25.90
C TYR G 3 -18.14 -19.71 -24.52
N ILE G 4 -17.83 -18.98 -23.45
CA ILE G 4 -17.99 -19.40 -22.04
C ILE G 4 -19.26 -18.76 -21.46
N TYR G 5 -20.22 -19.56 -21.00
CA TYR G 5 -21.49 -19.02 -20.43
C TYR G 5 -21.36 -19.04 -18.92
N SER G 6 -21.28 -17.87 -18.29
CA SER G 6 -21.38 -17.72 -16.84
C SER G 6 -22.82 -18.06 -16.44
N THR G 7 -23.00 -18.52 -15.20
CA THR G 7 -24.31 -18.86 -14.60
C THR G 7 -25.22 -17.63 -14.61
N GLU G 8 -26.48 -17.81 -15.01
CA GLU G 8 -27.55 -16.80 -14.88
C GLU G 8 -27.99 -16.77 -13.42
N VAL G 9 -27.83 -15.64 -12.74
CA VAL G 9 -28.19 -15.57 -11.30
C VAL G 9 -29.43 -14.70 -11.12
N GLY G 10 -30.30 -15.12 -10.20
CA GLY G 10 -31.58 -14.46 -9.93
C GLY G 10 -32.74 -15.40 -10.15
N GLY G 11 -33.90 -14.82 -10.45
CA GLY G 11 -35.19 -15.56 -10.54
C GLY G 11 -35.49 -16.05 -11.93
N VAL G 12 -36.62 -16.72 -12.07
CA VAL G 12 -37.11 -17.36 -13.34
C VAL G 12 -38.03 -16.36 -14.07
N GLY G 13 -38.36 -15.24 -13.42
CA GLY G 13 -39.29 -14.21 -13.94
C GLY G 13 -38.75 -13.45 -15.15
N GLY G 14 -39.59 -12.57 -15.70
CA GLY G 14 -39.21 -11.62 -16.76
C GLY G 14 -39.28 -12.23 -18.13
N THR G 15 -39.12 -11.38 -19.14
CA THR G 15 -39.04 -11.80 -20.56
C THR G 15 -37.60 -12.15 -20.85
N PRO G 16 -37.29 -13.34 -21.43
CA PRO G 16 -35.91 -13.68 -21.72
C PRO G 16 -35.28 -12.73 -22.74
N PHE G 17 -33.98 -12.48 -22.58
CA PHE G 17 -33.15 -11.73 -23.57
C PHE G 17 -31.83 -12.47 -23.76
N THR G 18 -31.27 -12.35 -24.96
CA THR G 18 -29.88 -12.64 -25.29
C THR G 18 -29.37 -11.47 -26.13
N PHE G 19 -28.33 -10.78 -25.66
CA PHE G 19 -27.57 -9.78 -26.43
C PHE G 19 -26.20 -10.32 -26.78
N MET G 20 -25.99 -10.63 -28.06
CA MET G 20 -24.76 -11.24 -28.64
C MET G 20 -24.78 -10.89 -30.13
N GLN G 21 -23.64 -10.59 -30.71
CA GLN G 21 -23.63 -10.30 -32.16
C GLN G 21 -22.42 -11.03 -32.74
N GLU G 22 -22.54 -11.60 -33.95
CA GLU G 22 -21.40 -12.27 -34.65
C GLU G 22 -20.36 -11.19 -34.97
N SER G 23 -20.84 -9.97 -35.27
CA SER G 23 -20.19 -8.68 -35.63
C SER G 23 -19.14 -8.15 -34.65
N GLY G 24 -19.05 -8.65 -33.42
CA GLY G 24 -18.04 -8.15 -32.47
C GLY G 24 -18.37 -8.38 -31.01
N THR G 25 -17.62 -7.76 -30.10
CA THR G 25 -17.80 -7.92 -28.64
C THR G 25 -18.58 -6.73 -28.07
N ILE G 26 -18.84 -6.73 -26.77
CA ILE G 26 -19.52 -5.59 -26.11
C ILE G 26 -18.53 -4.43 -26.02
N THR G 27 -18.96 -3.24 -26.48
CA THR G 27 -18.17 -1.98 -26.44
C THR G 27 -18.75 -1.05 -25.37
N SER G 28 -20.01 -1.18 -25.01
CA SER G 28 -20.63 -0.36 -23.93
C SER G 28 -21.69 -1.20 -23.19
N ILE G 29 -21.76 -1.06 -21.88
CA ILE G 29 -22.86 -1.67 -21.08
C ILE G 29 -23.28 -0.67 -20.01
N LYS G 30 -24.59 -0.48 -19.87
CA LYS G 30 -25.20 0.47 -18.93
C LYS G 30 -26.09 -0.28 -17.96
N PHE G 31 -25.96 -0.02 -16.68
CA PHE G 31 -26.87 -0.57 -15.64
C PHE G 31 -27.64 0.59 -15.03
N ASN G 32 -28.96 0.44 -14.94
CA ASN G 32 -29.87 1.36 -14.22
C ASN G 32 -30.38 0.63 -12.98
N TRP G 33 -30.39 1.31 -11.85
CA TRP G 33 -30.83 0.72 -10.56
C TRP G 33 -31.44 1.80 -9.68
N SER G 34 -32.20 1.39 -8.67
CA SER G 34 -32.95 2.30 -7.75
C SER G 34 -32.43 2.09 -6.33
N ASP G 35 -32.49 3.14 -5.50
CA ASP G 35 -32.33 3.06 -4.03
C ASP G 35 -33.68 2.65 -3.44
N GLN G 36 -34.80 2.97 -4.11
CA GLN G 36 -36.17 2.64 -3.63
C GLN G 36 -36.27 1.13 -3.40
N TYR G 37 -36.02 0.32 -4.43
CA TYR G 37 -36.18 -1.16 -4.47
C TYR G 37 -34.85 -1.92 -4.31
N LYS G 38 -33.71 -1.22 -4.35
CA LYS G 38 -32.35 -1.81 -4.20
C LYS G 38 -32.17 -2.95 -5.22
N LEU G 39 -32.63 -2.75 -6.47
CA LEU G 39 -32.57 -3.73 -7.60
C LEU G 39 -31.92 -3.08 -8.82
N LEU G 40 -31.37 -3.89 -9.72
CA LEU G 40 -31.19 -3.45 -11.13
C LEU G 40 -32.55 -3.49 -11.83
N HIS G 41 -32.84 -2.48 -12.65
CA HIS G 41 -34.10 -2.41 -13.44
C HIS G 41 -33.86 -2.56 -14.96
N HIS G 42 -32.73 -2.11 -15.49
CA HIS G 42 -32.61 -1.92 -16.96
C HIS G 42 -31.15 -2.04 -17.35
N ILE G 43 -30.89 -2.62 -18.50
CA ILE G 43 -29.52 -2.82 -19.04
C ILE G 43 -29.57 -2.41 -20.51
N GLU G 44 -28.58 -1.64 -20.99
CA GLU G 44 -28.37 -1.39 -22.43
C GLU G 44 -26.97 -1.84 -22.78
N VAL G 45 -26.83 -2.40 -23.96
CA VAL G 45 -25.56 -2.93 -24.48
C VAL G 45 -25.37 -2.41 -25.91
N LYS G 46 -24.15 -2.03 -26.29
CA LYS G 46 -23.76 -1.76 -27.70
C LYS G 46 -22.62 -2.71 -28.06
N PHE G 47 -22.52 -3.12 -29.32
CA PHE G 47 -21.42 -4.01 -29.80
C PHE G 47 -20.52 -3.21 -30.75
N ILE G 48 -19.26 -3.61 -30.85
CA ILE G 48 -18.30 -3.17 -31.90
C ILE G 48 -19.02 -3.20 -33.26
N ASN G 49 -18.81 -2.17 -34.11
CA ASN G 49 -19.27 -2.07 -35.54
C ASN G 49 -20.79 -2.32 -35.65
N ASN G 50 -21.59 -1.68 -34.80
CA ASN G 50 -23.07 -1.84 -34.73
C ASN G 50 -23.63 -0.67 -33.90
N ALA G 51 -24.38 0.23 -34.55
CA ALA G 51 -24.85 1.49 -33.93
C ALA G 51 -26.12 1.21 -33.12
N ASN G 52 -26.71 0.02 -33.25
CA ASN G 52 -27.94 -0.40 -32.52
C ASN G 52 -27.65 -0.53 -31.02
N ILE G 53 -28.58 -0.02 -30.23
CA ILE G 53 -28.58 -0.09 -28.74
C ILE G 53 -29.62 -1.16 -28.36
N TYR G 54 -29.19 -2.19 -27.63
CA TYR G 54 -30.01 -3.33 -27.17
C TYR G 54 -30.35 -3.10 -25.70
N ALA G 55 -31.63 -3.06 -25.38
CA ALA G 55 -32.13 -2.62 -24.06
C ALA G 55 -33.11 -3.66 -23.54
N THR G 56 -33.17 -3.84 -22.21
CA THR G 56 -34.09 -4.78 -21.55
C THR G 56 -34.42 -4.20 -20.18
N GLY G 57 -35.65 -4.43 -19.72
CA GLY G 57 -36.12 -3.90 -18.43
C GLY G 57 -36.67 -2.50 -18.56
N ASP G 58 -36.89 -1.83 -17.44
CA ASP G 58 -37.62 -0.54 -17.38
C ASP G 58 -36.68 0.45 -16.71
N PRO G 59 -36.26 1.51 -17.42
CA PRO G 59 -35.29 2.46 -16.86
C PRO G 59 -35.85 3.35 -15.76
N LYS G 60 -36.46 2.79 -14.73
CA LYS G 60 -37.21 3.55 -13.71
C LYS G 60 -36.29 3.95 -12.56
N GLY G 61 -35.05 3.48 -12.53
CA GLY G 61 -34.19 3.72 -11.37
C GLY G 61 -33.62 5.12 -11.37
N ASN G 62 -33.11 5.58 -10.22
CA ASN G 62 -32.63 6.98 -10.02
C ASN G 62 -31.10 7.06 -10.23
N HIS G 63 -30.41 5.97 -10.53
CA HIS G 63 -28.97 5.94 -10.89
C HIS G 63 -28.75 5.17 -12.19
N GLU G 64 -27.70 5.51 -12.95
CA GLU G 64 -27.16 4.65 -14.04
C GLU G 64 -25.62 4.74 -14.05
N VAL G 65 -24.94 3.68 -14.46
CA VAL G 65 -23.49 3.68 -14.79
C VAL G 65 -23.33 3.06 -16.17
N ILE G 66 -22.36 3.58 -16.90
CA ILE G 66 -21.91 3.04 -18.20
C ILE G 66 -20.44 2.65 -18.05
N LEU G 67 -20.08 1.43 -18.46
CA LEU G 67 -18.68 1.06 -18.77
C LEU G 67 -18.53 0.99 -20.27
N GLU G 68 -17.56 1.70 -20.81
CA GLU G 68 -17.14 1.59 -22.22
C GLU G 68 -15.88 0.73 -22.22
N ILE G 69 -15.70 -0.10 -23.23
CA ILE G 69 -14.64 -1.14 -23.27
C ILE G 69 -13.85 -1.01 -24.56
N ASP G 70 -12.54 -0.79 -24.46
CA ASP G 70 -11.65 -0.62 -25.64
C ASP G 70 -11.67 -1.95 -26.36
N ASP G 71 -11.30 -2.00 -27.64
CA ASP G 71 -11.40 -3.24 -28.46
C ASP G 71 -10.54 -4.33 -27.79
N ASP G 72 -9.39 -3.97 -27.19
CA ASP G 72 -8.36 -4.92 -26.70
C ASP G 72 -8.52 -5.13 -25.18
N GLU G 73 -9.61 -4.69 -24.59
CA GLU G 73 -9.80 -4.59 -23.12
C GLU G 73 -10.66 -5.77 -22.63
N THR G 74 -10.28 -6.41 -21.53
CA THR G 74 -10.97 -7.60 -20.97
C THR G 74 -11.52 -7.29 -19.56
N ILE G 75 -12.42 -8.13 -19.09
CA ILE G 75 -12.93 -8.14 -17.70
C ILE G 75 -12.02 -9.11 -16.93
N ILE G 76 -11.34 -8.62 -15.89
CA ILE G 76 -10.43 -9.46 -15.05
C ILE G 76 -11.06 -9.71 -13.69
N GLY G 77 -12.12 -9.00 -13.35
CA GLY G 77 -12.92 -9.24 -12.12
C GLY G 77 -14.37 -8.91 -12.38
N SER G 78 -15.28 -9.66 -11.80
CA SER G 78 -16.71 -9.50 -12.13
C SER G 78 -17.53 -10.16 -11.04
N VAL G 79 -18.43 -9.40 -10.42
CA VAL G 79 -19.23 -9.89 -9.27
C VAL G 79 -20.68 -9.42 -9.44
N ILE G 80 -21.63 -10.35 -9.37
CA ILE G 80 -23.07 -9.99 -9.50
C ILE G 80 -23.77 -10.29 -8.17
N GLY G 81 -24.43 -9.29 -7.62
CA GLY G 81 -25.29 -9.43 -6.42
C GLY G 81 -26.69 -9.85 -6.85
N TYR G 82 -27.33 -10.71 -6.07
CA TYR G 82 -28.68 -11.21 -6.42
C TYR G 82 -29.38 -11.70 -5.17
N LYS G 83 -30.70 -11.75 -5.26
CA LYS G 83 -31.59 -12.55 -4.41
C LYS G 83 -31.82 -13.87 -5.16
N LYS G 84 -31.62 -14.98 -4.47
CA LYS G 84 -31.74 -16.34 -5.02
C LYS G 84 -33.20 -16.78 -4.96
N GLY G 85 -33.51 -17.88 -5.64
CA GLY G 85 -34.83 -18.51 -5.62
C GLY G 85 -35.62 -18.17 -6.85
N ASN G 86 -36.80 -18.77 -6.97
CA ASN G 86 -37.70 -18.59 -8.15
C ASN G 86 -38.05 -17.11 -8.31
N ASP G 87 -38.30 -16.42 -7.21
CA ASP G 87 -38.68 -15.00 -7.22
C ASP G 87 -37.45 -14.10 -7.05
N GLY G 88 -36.30 -14.52 -7.54
CA GLY G 88 -35.07 -13.75 -7.38
C GLY G 88 -34.93 -12.60 -8.36
N ARG G 89 -33.90 -11.80 -8.14
CA ARG G 89 -33.59 -10.57 -8.90
C ARG G 89 -32.09 -10.32 -8.83
N CYS G 90 -31.58 -9.59 -9.80
CA CYS G 90 -30.18 -9.11 -9.74
C CYS G 90 -30.21 -7.79 -8.99
N THR G 91 -29.37 -7.68 -7.99
CA THR G 91 -29.32 -6.48 -7.14
C THR G 91 -28.11 -5.60 -7.46
N GLY G 92 -27.01 -6.15 -7.99
CA GLY G 92 -25.84 -5.30 -8.26
C GLY G 92 -24.76 -5.95 -9.06
N VAL G 93 -23.87 -5.14 -9.67
CA VAL G 93 -22.72 -5.60 -10.51
C VAL G 93 -21.48 -4.79 -10.12
N LYS G 94 -20.32 -5.42 -10.04
CA LYS G 94 -18.97 -4.76 -10.00
C LYS G 94 -18.18 -5.41 -11.13
N LEU G 95 -17.73 -4.62 -12.10
CA LEU G 95 -16.84 -5.08 -13.21
C LEU G 95 -15.52 -4.35 -13.08
N THR G 96 -14.40 -5.04 -13.33
CA THR G 96 -13.04 -4.48 -13.32
C THR G 96 -12.30 -4.99 -14.55
N THR G 97 -11.54 -4.12 -15.23
CA THR G 97 -10.98 -4.40 -16.59
C THR G 97 -9.46 -4.53 -16.57
N SER G 98 -8.91 -5.06 -17.64
CA SER G 98 -7.46 -5.23 -17.88
C SER G 98 -6.74 -3.87 -17.86
N LYS G 99 -7.46 -2.73 -17.87
CA LYS G 99 -6.87 -1.38 -17.94
C LYS G 99 -7.19 -0.58 -16.68
N GLY G 100 -7.64 -1.22 -15.60
CA GLY G 100 -7.81 -0.55 -14.31
C GLY G 100 -9.10 0.26 -14.24
N LYS G 101 -9.99 0.11 -15.22
CA LYS G 101 -11.36 0.71 -15.14
C LYS G 101 -12.23 -0.20 -14.29
N SER G 102 -13.12 0.40 -13.49
CA SER G 102 -14.13 -0.37 -12.76
C SER G 102 -15.42 0.43 -12.70
N ILE G 103 -16.56 -0.26 -12.53
CA ILE G 103 -17.89 0.34 -12.26
C ILE G 103 -18.54 -0.44 -11.13
N MET G 104 -19.47 0.20 -10.46
CA MET G 104 -20.24 -0.44 -9.39
C MET G 104 -21.68 0.07 -9.49
N ALA G 105 -22.61 -0.84 -9.71
CA ALA G 105 -24.05 -0.57 -9.79
C ALA G 105 -24.77 -1.33 -8.68
N GLY G 106 -25.64 -0.65 -7.95
CA GLY G 106 -26.64 -1.26 -7.09
C GLY G 106 -26.07 -1.84 -5.79
N TYR G 107 -26.67 -2.93 -5.30
CA TYR G 107 -26.56 -3.44 -3.91
C TYR G 107 -26.18 -4.92 -3.87
N PHE G 108 -25.64 -5.33 -2.73
CA PHE G 108 -25.04 -6.68 -2.51
C PHE G 108 -25.45 -7.18 -1.13
N GLU G 109 -26.71 -7.52 -0.95
CA GLU G 109 -27.28 -7.74 0.40
C GLU G 109 -27.63 -9.23 0.63
N GLU G 110 -27.39 -10.13 -0.32
CA GLU G 110 -27.79 -11.54 -0.10
C GLU G 110 -26.74 -12.48 -0.71
N SER G 111 -26.73 -12.68 -2.03
CA SER G 111 -25.90 -13.71 -2.67
C SER G 111 -24.99 -13.04 -3.68
N LEU G 112 -23.86 -13.68 -4.00
CA LEU G 112 -22.86 -13.14 -4.95
C LEU G 112 -22.44 -14.28 -5.85
N ILE G 113 -22.14 -13.98 -7.09
CA ILE G 113 -21.30 -14.89 -7.90
C ILE G 113 -20.05 -14.09 -8.27
N THR G 114 -18.88 -14.72 -8.22
CA THR G 114 -17.64 -14.23 -8.87
C THR G 114 -17.49 -15.05 -10.14
N THR G 115 -17.66 -14.42 -11.29
CA THR G 115 -17.90 -15.14 -12.57
C THR G 115 -16.57 -15.48 -13.21
N TYR G 116 -16.65 -16.24 -14.31
CA TYR G 116 -15.50 -16.40 -15.24
C TYR G 116 -15.03 -15.02 -15.68
N THR G 117 -13.81 -14.94 -16.21
CA THR G 117 -13.21 -13.67 -16.71
C THR G 117 -12.89 -13.81 -18.19
N GLY G 118 -12.55 -12.71 -18.83
CA GLY G 118 -12.13 -12.71 -20.24
C GLY G 118 -12.78 -11.58 -21.01
N LYS G 119 -12.79 -11.73 -22.33
CA LYS G 119 -13.36 -10.76 -23.29
C LYS G 119 -14.89 -10.90 -23.22
N LEU G 120 -15.59 -9.88 -22.74
CA LEU G 120 -17.06 -9.90 -22.58
C LEU G 120 -17.68 -9.84 -23.97
N ALA G 121 -18.41 -10.88 -24.34
CA ALA G 121 -19.01 -11.00 -25.69
C ALA G 121 -20.49 -10.66 -25.68
N GLY G 122 -21.19 -10.99 -24.59
CA GLY G 122 -22.64 -10.81 -24.54
C GLY G 122 -23.19 -10.98 -23.14
N ILE G 123 -24.50 -10.81 -22.99
CA ILE G 123 -25.23 -11.07 -21.74
C ILE G 123 -26.53 -11.76 -22.12
N LYS G 124 -27.21 -12.33 -21.13
CA LYS G 124 -28.37 -13.23 -21.28
C LYS G 124 -29.10 -13.15 -19.94
N GLY G 125 -30.41 -13.21 -19.93
CA GLY G 125 -31.18 -13.30 -18.70
C GLY G 125 -32.65 -13.04 -18.92
N GLY G 126 -33.30 -12.49 -17.90
CA GLY G 126 -34.74 -12.17 -17.90
C GLY G 126 -34.97 -10.81 -17.31
N ALA G 127 -35.83 -10.02 -17.93
CA ALA G 127 -36.17 -8.68 -17.41
C ALA G 127 -37.65 -8.36 -17.66
N GLY G 128 -38.26 -7.64 -16.72
CA GLY G 128 -39.56 -6.96 -16.88
C GLY G 128 -39.47 -5.55 -16.34
N SER G 129 -40.02 -5.31 -15.16
CA SER G 129 -39.84 -4.06 -14.39
C SER G 129 -38.44 -4.07 -13.75
N ASP G 130 -37.89 -5.25 -13.50
CA ASP G 130 -36.58 -5.41 -12.84
C ASP G 130 -35.73 -6.29 -13.76
N ILE G 131 -34.43 -6.36 -13.49
CA ILE G 131 -33.56 -7.44 -14.02
C ILE G 131 -33.74 -8.66 -13.12
N ASP G 132 -34.45 -9.66 -13.62
CA ASP G 132 -34.77 -10.90 -12.86
C ASP G 132 -33.50 -11.74 -12.74
N ARG G 133 -32.70 -11.76 -13.80
CA ARG G 133 -31.72 -12.84 -14.00
C ARG G 133 -30.67 -12.26 -14.93
N LEU G 134 -29.38 -12.46 -14.63
CA LEU G 134 -28.29 -12.00 -15.51
C LEU G 134 -27.18 -13.03 -15.57
N GLY G 135 -26.70 -13.29 -16.79
CA GLY G 135 -25.54 -14.17 -17.07
C GLY G 135 -24.59 -13.56 -18.09
N LEU G 136 -23.30 -13.52 -17.78
CA LEU G 136 -22.31 -12.95 -18.71
C LEU G 136 -21.86 -14.05 -19.67
N ILE G 137 -21.40 -13.64 -20.84
CA ILE G 137 -20.88 -14.53 -21.90
C ILE G 137 -19.53 -13.98 -22.35
N PHE G 138 -18.50 -14.82 -22.35
CA PHE G 138 -17.12 -14.45 -22.69
C PHE G 138 -16.62 -15.29 -23.87
N LEU G 139 -15.57 -14.84 -24.56
CA LEU G 139 -14.89 -15.56 -25.69
C LEU G 139 -13.92 -16.60 -25.12
N LYS G 140 -13.42 -17.55 -25.93
CA LYS G 140 -12.44 -18.59 -25.49
C LYS G 140 -11.20 -18.60 -26.42
#